data_3QYQ
#
_entry.id   3QYQ
#
_cell.length_a   70.923
_cell.length_b   72.194
_cell.length_c   73.048
_cell.angle_alpha   62.90
_cell.angle_beta   89.80
_cell.angle_gamma   88.85
#
_symmetry.space_group_name_H-M   'P 1'
#
loop_
_entity.id
_entity.type
_entity.pdbx_description
1 polymer 'Deoxyribose-phosphate aldolase, putative'
2 branched beta-D-fructofuranose-(2-1)-alpha-D-glucopyranose
3 non-polymer 'SULFATE ION'
4 water water
#
_entity_poly.entity_id   1
_entity_poly.type   'polypeptide(L)'
_entity_poly.pdbx_seq_one_letter_code
;MGSSHHHHHHENLYFQGIYKQFTSRTLLNFFEVAALTDGETNESVAAVCKIAAKDPAIVGVSVRPAFVRFIRQELVKSAP
EVAGIKVCAAVNFPEGTGTPDTVSLEAVGALKDGADEIECLIDWRRMNENVADGESRIRLLVSEVKKVVGPKTLKVVLSG
GELQGGDIISRAAVAALEGGADFLQTSSGLGATHATMFTVHLISIALREYMVRENERIRVEGINREGAAVRCIGIKIEVG
DVHMAETADFLMQMIFENGPRSIVRDKFRVGGGFNLLKELRDCYESWDSVGVS
;
_entity_poly.pdbx_strand_id   A,B,C,D
#
loop_
_chem_comp.id
_chem_comp.type
_chem_comp.name
_chem_comp.formula
FRU D-saccharide, beta linking beta-D-fructofuranose 'C6 H12 O6'
GLC D-saccharide, alpha linking alpha-D-glucopyranose 'C6 H12 O6'
SO4 non-polymer 'SULFATE ION' 'O4 S -2'
#
# COMPACT_ATOMS: atom_id res chain seq x y z
N ASN A 12 -19.67 -6.71 -5.61
CA ASN A 12 -18.26 -6.42 -5.21
C ASN A 12 -18.01 -4.91 -5.29
N LEU A 13 -17.48 -4.36 -4.20
CA LEU A 13 -17.21 -2.93 -4.13
C LEU A 13 -15.74 -2.56 -4.25
N TYR A 14 -14.84 -3.54 -4.20
CA TYR A 14 -13.39 -3.25 -4.27
C TYR A 14 -12.79 -3.37 -5.67
N PHE A 15 -11.73 -2.58 -5.91
CA PHE A 15 -11.03 -2.56 -7.19
C PHE A 15 -11.95 -2.43 -8.41
N GLN A 16 -12.98 -1.62 -8.30
CA GLN A 16 -13.89 -1.48 -9.44
C GLN A 16 -13.35 -0.56 -10.55
N GLY A 17 -12.31 0.22 -10.27
CA GLY A 17 -11.78 1.10 -11.31
C GLY A 17 -10.39 0.74 -11.82
N ILE A 18 -9.75 -0.27 -11.25
CA ILE A 18 -8.37 -0.61 -11.63
C ILE A 18 -8.17 -1.00 -13.10
N TYR A 19 -9.08 -1.76 -13.68
CA TYR A 19 -8.92 -2.17 -15.09
C TYR A 19 -9.07 -0.99 -16.06
N LYS A 20 -10.03 -0.12 -15.78
N LYS A 20 -10.02 -0.12 -15.79
CA LYS A 20 -10.24 1.06 -16.62
CA LYS A 20 -10.24 1.04 -16.64
C LYS A 20 -9.02 1.97 -16.49
C LYS A 20 -9.05 1.99 -16.49
N GLN A 21 -8.52 2.10 -15.26
CA GLN A 21 -7.34 2.95 -14.98
C GLN A 21 -6.13 2.47 -15.77
N PHE A 22 -5.91 1.16 -15.74
CA PHE A 22 -4.79 0.58 -16.49
C PHE A 22 -4.98 0.78 -18.00
N THR A 23 -6.18 0.53 -18.49
CA THR A 23 -6.45 0.69 -19.91
C THR A 23 -6.26 2.15 -20.34
N SER A 24 -6.71 3.08 -19.50
N SER A 24 -6.71 3.10 -19.52
CA SER A 24 -6.56 4.50 -19.79
CA SER A 24 -6.54 4.51 -19.87
C SER A 24 -5.09 4.89 -19.84
C SER A 24 -5.06 4.87 -19.87
N ARG A 25 -4.31 4.37 -18.90
CA ARG A 25 -2.88 4.66 -18.85
C ARG A 25 -2.17 4.14 -20.11
N THR A 26 -2.60 2.96 -20.54
CA THR A 26 -2.07 2.34 -21.75
C THR A 26 -2.41 3.20 -22.97
N LEU A 27 -3.68 3.56 -23.11
CA LEU A 27 -4.11 4.39 -24.24
C LEU A 27 -3.34 5.73 -24.29
N LEU A 28 -3.11 6.37 -23.14
CA LEU A 28 -2.36 7.64 -23.11
C LEU A 28 -0.94 7.43 -23.67
N ASN A 29 -0.36 6.27 -23.42
CA ASN A 29 0.99 5.98 -23.89
C ASN A 29 1.09 5.96 -25.42
N PHE A 30 -0.01 5.71 -26.12
CA PHE A 30 0.01 5.64 -27.57
C PHE A 30 -0.87 6.67 -28.24
N PHE A 31 -1.40 7.61 -27.45
CA PHE A 31 -2.33 8.57 -27.97
C PHE A 31 -1.73 9.75 -28.72
N GLU A 32 -2.44 10.11 -29.79
CA GLU A 32 -2.10 11.26 -30.64
C GLU A 32 -3.41 12.02 -30.79
N VAL A 33 -3.43 13.23 -30.25
CA VAL A 33 -4.64 14.03 -30.29
C VAL A 33 -4.69 14.89 -31.55
N ALA A 34 -5.84 14.83 -32.20
CA ALA A 34 -6.08 15.56 -33.43
C ALA A 34 -6.64 16.94 -33.12
N ALA A 35 -6.03 17.97 -33.73
CA ALA A 35 -6.49 19.36 -33.59
C ALA A 35 -6.41 19.88 -35.02
N LEU A 36 -7.29 19.35 -35.88
CA LEU A 36 -7.30 19.67 -37.31
C LEU A 36 -8.54 20.37 -37.86
N THR A 37 -9.48 20.75 -37.00
CA THR A 37 -10.71 21.38 -37.49
C THR A 37 -10.47 22.71 -38.20
N ASP A 38 -11.35 23.05 -39.12
CA ASP A 38 -11.24 24.32 -39.87
C ASP A 38 -11.18 25.51 -38.92
N GLY A 39 -11.85 25.41 -37.78
CA GLY A 39 -11.89 26.52 -36.81
C GLY A 39 -10.74 26.68 -35.86
N GLU A 40 -9.67 25.90 -36.00
CA GLU A 40 -8.55 26.02 -35.08
C GLU A 40 -7.87 27.39 -35.14
N THR A 41 -7.42 27.83 -33.97
CA THR A 41 -6.71 29.09 -33.80
C THR A 41 -5.51 28.74 -32.95
N ASN A 42 -4.54 29.65 -32.83
CA ASN A 42 -3.39 29.35 -31.98
C ASN A 42 -3.85 29.05 -30.56
N GLU A 43 -4.86 29.77 -30.09
CA GLU A 43 -5.39 29.56 -28.74
C GLU A 43 -6.02 28.19 -28.54
N SER A 44 -6.84 27.74 -29.50
CA SER A 44 -7.48 26.44 -29.36
C SER A 44 -6.44 25.33 -29.43
N VAL A 45 -5.45 25.50 -30.31
CA VAL A 45 -4.37 24.52 -30.46
C VAL A 45 -3.52 24.46 -29.20
N ALA A 46 -3.25 25.63 -28.61
CA ALA A 46 -2.47 25.71 -27.40
C ALA A 46 -3.16 24.94 -26.28
N ALA A 47 -4.48 25.03 -26.20
CA ALA A 47 -5.23 24.34 -25.15
C ALA A 47 -5.06 22.82 -25.26
N VAL A 48 -5.12 22.31 -26.48
CA VAL A 48 -4.97 20.87 -26.73
C VAL A 48 -3.55 20.42 -26.39
N CYS A 49 -2.55 21.18 -26.84
CA CYS A 49 -1.16 20.82 -26.55
C CYS A 49 -0.85 20.74 -25.07
N LYS A 50 -1.44 21.65 -24.28
CA LYS A 50 -1.19 21.66 -22.85
C LYS A 50 -1.70 20.37 -22.19
N ILE A 51 -2.89 19.93 -22.58
CA ILE A 51 -3.45 18.69 -22.04
C ILE A 51 -2.67 17.48 -22.60
N ALA A 52 -2.20 17.58 -23.83
CA ALA A 52 -1.41 16.46 -24.40
C ALA A 52 -0.09 16.30 -23.66
N ALA A 53 0.56 17.43 -23.36
CA ALA A 53 1.86 17.45 -22.70
C ALA A 53 1.84 17.25 -21.19
N LYS A 54 0.66 17.28 -20.58
CA LYS A 54 0.55 17.09 -19.14
C LYS A 54 1.12 15.71 -18.78
N ASP A 55 1.81 15.61 -17.64
CA ASP A 55 2.40 14.33 -17.21
C ASP A 55 1.31 13.33 -16.81
N PRO A 56 1.32 12.10 -17.38
CA PRO A 56 2.25 11.57 -18.38
C PRO A 56 1.85 12.03 -19.76
N ALA A 57 2.81 12.57 -20.49
CA ALA A 57 2.56 13.08 -21.82
C ALA A 57 2.19 11.99 -22.82
N ILE A 58 1.29 12.33 -23.72
CA ILE A 58 0.90 11.40 -24.77
C ILE A 58 2.00 11.45 -25.85
N VAL A 59 1.80 10.75 -26.95
CA VAL A 59 2.81 10.72 -28.01
C VAL A 59 2.95 12.06 -28.72
N GLY A 60 1.82 12.63 -29.13
CA GLY A 60 1.86 13.89 -29.82
C GLY A 60 0.53 14.47 -30.22
N VAL A 61 0.62 15.50 -31.04
N VAL A 61 0.60 15.52 -31.03
CA VAL A 61 -0.55 16.19 -31.55
CA VAL A 61 -0.57 16.23 -31.52
C VAL A 61 -0.48 16.25 -33.07
C VAL A 61 -0.49 16.35 -33.05
N SER A 62 -1.63 16.17 -33.72
CA SER A 62 -1.72 16.26 -35.18
C SER A 62 -2.36 17.60 -35.52
N VAL A 63 -1.66 18.41 -36.32
CA VAL A 63 -2.15 19.72 -36.72
C VAL A 63 -1.83 19.99 -38.17
N ARG A 64 -2.40 21.04 -38.72
CA ARG A 64 -2.09 21.40 -40.10
C ARG A 64 -0.77 22.16 -39.98
N PRO A 65 0.04 22.18 -41.05
CA PRO A 65 1.33 22.86 -41.04
C PRO A 65 1.33 24.28 -40.48
N ALA A 66 0.21 24.99 -40.64
CA ALA A 66 0.05 26.36 -40.16
C ALA A 66 0.30 26.58 -38.66
N PHE A 67 0.18 25.53 -37.85
CA PHE A 67 0.39 25.67 -36.41
C PHE A 67 1.69 25.08 -35.88
N VAL A 68 2.51 24.53 -36.77
CA VAL A 68 3.75 23.92 -36.33
C VAL A 68 4.74 24.91 -35.70
N ARG A 69 5.02 26.02 -36.37
CA ARG A 69 5.99 26.96 -35.80
C ARG A 69 5.43 27.56 -34.51
N PHE A 70 4.12 27.75 -34.42
CA PHE A 70 3.54 28.29 -33.19
C PHE A 70 3.85 27.38 -31.99
N ILE A 71 3.58 26.08 -32.14
CA ILE A 71 3.84 25.12 -31.07
C ILE A 71 5.33 25.04 -30.72
N ARG A 72 6.13 24.88 -31.75
CA ARG A 72 7.58 24.72 -31.60
C ARG A 72 8.42 25.93 -31.21
N GLN A 73 7.98 27.14 -31.53
CA GLN A 73 8.78 28.33 -31.19
C GLN A 73 8.14 29.28 -30.19
N GLU A 74 6.83 29.45 -30.27
CA GLU A 74 6.15 30.38 -29.37
C GLU A 74 5.55 29.74 -28.11
N LEU A 75 4.66 28.77 -28.30
CA LEU A 75 4.01 28.12 -27.17
C LEU A 75 4.98 27.59 -26.13
N VAL A 76 6.09 27.03 -26.58
CA VAL A 76 7.11 26.45 -25.67
C VAL A 76 7.69 27.48 -24.68
N LYS A 77 7.51 28.76 -24.95
CA LYS A 77 8.02 29.79 -24.05
C LYS A 77 7.20 29.87 -22.76
N SER A 78 5.90 29.69 -22.87
CA SER A 78 5.01 29.76 -21.71
C SER A 78 4.59 28.37 -21.21
N ALA A 79 4.76 27.36 -22.06
CA ALA A 79 4.43 25.97 -21.74
C ALA A 79 5.60 25.10 -22.17
N PRO A 80 6.71 25.12 -21.39
CA PRO A 80 7.88 24.33 -21.77
C PRO A 80 7.63 22.84 -21.98
N GLU A 81 6.62 22.28 -21.31
CA GLU A 81 6.34 20.85 -21.46
C GLU A 81 5.93 20.41 -22.86
N VAL A 82 5.49 21.34 -23.71
CA VAL A 82 5.06 20.96 -25.07
C VAL A 82 6.24 20.47 -25.92
N ALA A 83 7.46 20.73 -25.46
CA ALA A 83 8.64 20.28 -26.18
C ALA A 83 8.71 18.75 -26.09
N GLY A 84 8.07 18.20 -25.07
CA GLY A 84 8.02 16.76 -24.81
C GLY A 84 7.03 15.92 -25.61
N ILE A 85 6.25 16.55 -26.48
CA ILE A 85 5.31 15.80 -27.31
C ILE A 85 5.72 16.02 -28.76
N LYS A 86 5.39 15.06 -29.62
CA LYS A 86 5.70 15.19 -31.03
C LYS A 86 4.64 15.99 -31.75
N VAL A 87 5.06 16.69 -32.79
CA VAL A 87 4.13 17.46 -33.61
C VAL A 87 4.07 16.80 -34.98
N CYS A 88 2.88 16.33 -35.35
CA CYS A 88 2.67 15.69 -36.63
C CYS A 88 1.91 16.66 -37.52
N ALA A 89 2.48 16.97 -38.68
CA ALA A 89 1.85 17.89 -39.62
C ALA A 89 1.11 17.15 -40.73
N ALA A 90 -0.12 17.55 -40.97
CA ALA A 90 -0.97 16.94 -41.98
C ALA A 90 -0.78 17.59 -43.35
N VAL A 91 -0.45 16.79 -44.35
CA VAL A 91 -0.28 17.31 -45.71
C VAL A 91 -1.26 16.62 -46.66
N ASN A 92 -1.49 17.26 -47.80
CA ASN A 92 -2.42 16.77 -48.83
C ASN A 92 -3.76 16.64 -48.11
N PHE A 93 -3.95 17.53 -47.15
CA PHE A 93 -5.11 17.51 -46.28
C PHE A 93 -6.05 18.70 -46.49
N PRO A 94 -7.36 18.46 -46.39
CA PRO A 94 -8.02 17.20 -46.07
C PRO A 94 -8.58 16.41 -47.25
N GLU A 95 -8.33 16.86 -48.49
CA GLU A 95 -8.90 16.17 -49.64
C GLU A 95 -8.03 15.09 -50.31
N GLY A 96 -6.71 15.17 -50.17
CA GLY A 96 -5.82 14.18 -50.76
C GLY A 96 -5.75 14.24 -52.29
N THR A 97 -5.98 15.41 -52.87
CA THR A 97 -5.96 15.55 -54.33
C THR A 97 -4.80 16.35 -54.88
N GLY A 98 -3.84 16.67 -54.03
CA GLY A 98 -2.68 17.44 -54.44
C GLY A 98 -1.71 16.67 -55.32
N THR A 99 -0.81 17.41 -55.96
CA THR A 99 0.18 16.79 -56.80
C THR A 99 1.34 16.40 -55.91
N PRO A 100 2.04 15.31 -56.24
CA PRO A 100 3.16 14.92 -55.41
C PRO A 100 4.16 16.06 -55.16
N ASP A 101 4.39 16.90 -56.17
CA ASP A 101 5.33 18.02 -56.01
C ASP A 101 4.86 19.05 -54.97
N THR A 102 3.59 19.41 -55.02
CA THR A 102 3.06 20.38 -54.09
C THR A 102 3.00 19.79 -52.68
N VAL A 103 2.62 18.52 -52.57
CA VAL A 103 2.53 17.87 -51.26
C VAL A 103 3.93 17.79 -50.65
N SER A 104 4.94 17.54 -51.49
CA SER A 104 6.32 17.48 -51.00
C SER A 104 6.75 18.84 -50.45
N LEU A 105 6.32 19.92 -51.10
CA LEU A 105 6.66 21.26 -50.63
C LEU A 105 5.95 21.54 -49.30
N GLU A 106 4.74 21.03 -49.14
CA GLU A 106 4.01 21.23 -47.89
C GLU A 106 4.79 20.52 -46.79
N ALA A 107 5.30 19.33 -47.09
CA ALA A 107 6.06 18.55 -46.10
C ALA A 107 7.37 19.25 -45.74
N VAL A 108 8.07 19.76 -46.74
CA VAL A 108 9.33 20.45 -46.49
C VAL A 108 9.09 21.64 -45.57
N GLY A 109 8.03 22.40 -45.83
CA GLY A 109 7.70 23.55 -45.01
C GLY A 109 7.38 23.17 -43.58
N ALA A 110 6.62 22.10 -43.39
CA ALA A 110 6.25 21.64 -42.05
C ALA A 110 7.49 21.23 -41.28
N LEU A 111 8.35 20.43 -41.92
CA LEU A 111 9.57 19.96 -41.29
C LEU A 111 10.48 21.14 -40.93
N LYS A 112 10.51 22.14 -41.79
CA LYS A 112 11.32 23.33 -41.57
C LYS A 112 10.82 24.09 -40.35
N ASP A 113 9.51 24.09 -40.15
CA ASP A 113 8.89 24.75 -39.00
C ASP A 113 9.03 23.97 -37.69
N GLY A 114 9.55 22.74 -37.77
CA GLY A 114 9.75 21.92 -36.57
C GLY A 114 8.95 20.64 -36.43
N ALA A 115 8.23 20.23 -37.47
CA ALA A 115 7.43 19.01 -37.39
C ALA A 115 8.31 17.76 -37.24
N ASP A 116 7.86 16.85 -36.38
CA ASP A 116 8.56 15.61 -36.09
C ASP A 116 8.13 14.46 -36.99
N GLU A 117 6.88 14.53 -37.44
CA GLU A 117 6.29 13.51 -38.27
C GLU A 117 5.39 14.16 -39.30
N ILE A 118 5.04 13.42 -40.34
CA ILE A 118 4.17 13.89 -41.40
C ILE A 118 3.06 12.88 -41.64
N GLU A 119 1.84 13.38 -41.73
CA GLU A 119 0.64 12.60 -41.99
C GLU A 119 0.22 13.00 -43.40
N CYS A 120 0.20 12.04 -44.32
CA CYS A 120 -0.14 12.34 -45.73
C CYS A 120 -1.32 11.50 -46.23
N LEU A 121 -2.35 12.17 -46.74
CA LEU A 121 -3.50 11.47 -47.28
C LEU A 121 -3.24 11.03 -48.71
N ILE A 122 -3.84 9.92 -49.09
CA ILE A 122 -3.72 9.40 -50.44
C ILE A 122 -4.92 9.96 -51.19
N ASP A 123 -4.92 9.83 -52.52
CA ASP A 123 -6.02 10.32 -53.33
C ASP A 123 -6.99 9.15 -53.39
N TRP A 124 -7.82 9.04 -52.35
CA TRP A 124 -8.79 7.96 -52.25
C TRP A 124 -9.81 7.97 -53.39
N ARG A 125 -10.18 9.15 -53.88
CA ARG A 125 -11.14 9.24 -54.98
C ARG A 125 -10.62 8.51 -56.21
N ARG A 126 -9.35 8.72 -56.53
CA ARG A 126 -8.74 8.04 -57.66
C ARG A 126 -8.82 6.53 -57.48
N MET A 127 -8.50 6.01 -56.25
CA MET A 127 -8.58 4.57 -55.97
C MET A 127 -9.97 4.04 -56.32
N ASN A 128 -11.01 4.79 -55.97
CA ASN A 128 -12.38 4.37 -56.26
C ASN A 128 -12.79 4.42 -57.73
N GLU A 129 -12.22 5.36 -58.49
CA GLU A 129 -12.58 5.45 -59.91
C GLU A 129 -11.72 4.58 -60.83
N ASN A 130 -10.51 4.28 -60.40
CA ASN A 130 -9.62 3.43 -61.20
C ASN A 130 -8.52 2.90 -60.29
N VAL A 131 -8.72 1.68 -59.79
CA VAL A 131 -7.77 1.05 -58.87
C VAL A 131 -6.33 1.00 -59.36
N ALA A 132 -6.13 0.57 -60.61
CA ALA A 132 -4.78 0.48 -61.18
C ALA A 132 -4.09 1.84 -61.17
N ASP A 133 -4.82 2.85 -61.61
CA ASP A 133 -4.31 4.22 -61.66
C ASP A 133 -4.11 4.73 -60.23
N GLY A 134 -5.08 4.44 -59.36
CA GLY A 134 -5.01 4.86 -57.97
C GLY A 134 -3.76 4.35 -57.27
N GLU A 135 -3.43 3.08 -57.49
CA GLU A 135 -2.25 2.46 -56.89
C GLU A 135 -0.99 3.17 -57.33
N SER A 136 -0.87 3.43 -58.64
N SER A 136 -0.88 3.43 -58.63
CA SER A 136 0.32 4.11 -59.17
CA SER A 136 0.30 4.10 -59.18
C SER A 136 0.48 5.50 -58.57
C SER A 136 0.48 5.50 -58.57
N ARG A 137 -0.62 6.23 -58.40
CA ARG A 137 -0.58 7.56 -57.82
C ARG A 137 -0.09 7.49 -56.37
N ILE A 138 -0.55 6.48 -55.63
CA ILE A 138 -0.12 6.30 -54.24
C ILE A 138 1.39 6.05 -54.15
N ARG A 139 1.88 5.13 -54.97
N ARG A 139 1.92 5.11 -54.93
CA ARG A 139 3.30 4.79 -54.99
CA ARG A 139 3.36 4.83 -54.88
C ARG A 139 4.18 6.02 -55.22
C ARG A 139 4.18 6.08 -55.17
N LEU A 140 3.79 6.83 -56.20
CA LEU A 140 4.51 8.04 -56.56
C LEU A 140 4.43 9.12 -55.49
N LEU A 141 3.22 9.34 -54.98
CA LEU A 141 3.02 10.34 -53.93
C LEU A 141 3.83 10.00 -52.67
N VAL A 142 3.66 8.78 -52.19
CA VAL A 142 4.34 8.32 -50.98
C VAL A 142 5.85 8.32 -51.17
N SER A 143 6.31 7.86 -52.33
CA SER A 143 7.74 7.84 -52.62
C SER A 143 8.39 9.21 -52.60
N GLU A 144 7.76 10.20 -53.24
N GLU A 144 7.76 10.18 -53.25
CA GLU A 144 8.35 11.54 -53.28
CA GLU A 144 8.30 11.53 -53.30
C GLU A 144 8.27 12.23 -51.93
C GLU A 144 8.24 12.25 -51.96
N VAL A 145 7.20 11.98 -51.18
CA VAL A 145 7.05 12.61 -49.88
C VAL A 145 8.07 12.01 -48.91
N LYS A 146 8.22 10.68 -48.93
CA LYS A 146 9.17 10.03 -48.05
C LYS A 146 10.58 10.54 -48.34
N LYS A 147 10.86 10.82 -49.61
CA LYS A 147 12.19 11.30 -49.98
C LYS A 147 12.50 12.61 -49.23
N VAL A 148 11.52 13.49 -49.06
CA VAL A 148 11.77 14.75 -48.35
C VAL A 148 11.68 14.62 -46.83
N VAL A 149 10.90 13.65 -46.35
CA VAL A 149 10.76 13.44 -44.91
C VAL A 149 12.06 12.84 -44.36
N GLY A 150 12.80 12.14 -45.21
CA GLY A 150 14.06 11.54 -44.79
C GLY A 150 13.85 10.48 -43.72
N PRO A 151 14.64 10.55 -42.63
CA PRO A 151 14.52 9.56 -41.55
C PRO A 151 13.31 9.74 -40.62
N LYS A 152 12.55 10.81 -40.80
CA LYS A 152 11.38 11.04 -39.95
C LYS A 152 10.20 10.18 -40.38
N THR A 153 9.25 10.01 -39.47
CA THR A 153 8.08 9.17 -39.72
C THR A 153 7.03 9.74 -40.67
N LEU A 154 6.70 8.96 -41.68
CA LEU A 154 5.69 9.30 -42.65
C LEU A 154 4.53 8.35 -42.45
N LYS A 155 3.39 8.92 -42.02
CA LYS A 155 2.19 8.14 -41.80
C LYS A 155 1.33 8.37 -43.02
N VAL A 156 0.84 7.31 -43.64
CA VAL A 156 -0.01 7.46 -44.81
C VAL A 156 -1.45 7.10 -44.45
N VAL A 157 -2.34 8.07 -44.63
CA VAL A 157 -3.74 7.93 -44.32
C VAL A 157 -4.47 7.30 -45.50
N LEU A 158 -5.11 6.16 -45.27
CA LEU A 158 -5.82 5.47 -46.32
C LEU A 158 -7.26 5.92 -46.52
N SER A 159 -7.86 6.55 -45.51
CA SER A 159 -9.26 6.98 -45.56
C SER A 159 -10.12 5.76 -45.86
N GLY A 160 -9.91 4.72 -45.06
CA GLY A 160 -10.64 3.45 -45.22
C GLY A 160 -12.14 3.59 -45.29
N GLY A 161 -12.70 4.53 -44.55
CA GLY A 161 -14.14 4.75 -44.57
C GLY A 161 -14.65 5.27 -45.90
N GLU A 162 -13.76 5.91 -46.65
CA GLU A 162 -14.09 6.50 -47.96
C GLU A 162 -13.79 5.56 -49.14
N LEU A 163 -12.94 4.56 -48.94
CA LEU A 163 -12.64 3.62 -50.01
C LEU A 163 -13.84 2.69 -50.16
N GLN A 164 -14.15 2.31 -51.39
CA GLN A 164 -15.30 1.46 -51.67
C GLN A 164 -14.98 -0.02 -51.81
N GLY A 165 -14.93 -0.71 -50.69
CA GLY A 165 -14.66 -2.14 -50.70
C GLY A 165 -13.33 -2.55 -50.10
N GLY A 166 -13.30 -3.74 -49.51
CA GLY A 166 -12.10 -4.27 -48.90
C GLY A 166 -10.96 -4.46 -49.87
N ASP A 167 -11.30 -4.84 -51.11
CA ASP A 167 -10.27 -5.06 -52.12
C ASP A 167 -9.52 -3.76 -52.38
N ILE A 168 -10.26 -2.65 -52.42
CA ILE A 168 -9.66 -1.33 -52.65
C ILE A 168 -8.78 -0.91 -51.47
N ILE A 169 -9.28 -1.12 -50.26
CA ILE A 169 -8.51 -0.79 -49.04
C ILE A 169 -7.20 -1.57 -49.02
N SER A 170 -7.28 -2.87 -49.26
CA SER A 170 -6.09 -3.72 -49.28
C SER A 170 -5.07 -3.22 -50.31
N ARG A 171 -5.53 -2.92 -51.51
CA ARG A 171 -4.64 -2.44 -52.56
C ARG A 171 -4.00 -1.10 -52.21
N ALA A 172 -4.77 -0.22 -51.55
CA ALA A 172 -4.28 1.08 -51.14
C ALA A 172 -3.15 0.89 -50.11
N ALA A 173 -3.37 -0.02 -49.17
CA ALA A 173 -2.37 -0.32 -48.13
C ALA A 173 -1.08 -0.87 -48.74
N VAL A 174 -1.23 -1.81 -49.66
CA VAL A 174 -0.06 -2.40 -50.32
C VAL A 174 0.73 -1.34 -51.08
N ALA A 175 0.03 -0.46 -51.81
CA ALA A 175 0.68 0.59 -52.58
C ALA A 175 1.43 1.56 -51.65
N ALA A 176 0.82 1.89 -50.51
CA ALA A 176 1.45 2.79 -49.55
C ALA A 176 2.72 2.17 -48.96
N LEU A 177 2.65 0.88 -48.65
CA LEU A 177 3.79 0.15 -48.08
C LEU A 177 4.93 0.08 -49.10
N GLU A 178 4.60 -0.29 -50.33
CA GLU A 178 5.60 -0.36 -51.40
C GLU A 178 6.21 1.01 -51.66
N GLY A 179 5.42 2.06 -51.45
CA GLY A 179 5.87 3.44 -51.64
C GLY A 179 6.82 3.96 -50.57
N GLY A 180 6.87 3.28 -49.42
CA GLY A 180 7.77 3.67 -48.34
C GLY A 180 7.14 4.19 -47.06
N ALA A 181 5.84 3.94 -46.88
CA ALA A 181 5.16 4.40 -45.65
C ALA A 181 5.76 3.77 -44.40
N ASP A 182 5.84 4.56 -43.32
CA ASP A 182 6.36 4.12 -42.02
C ASP A 182 5.20 3.67 -41.13
N PHE A 183 4.02 4.21 -41.42
CA PHE A 183 2.77 3.92 -40.73
C PHE A 183 1.60 3.95 -41.70
N LEU A 184 0.62 3.08 -41.45
CA LEU A 184 -0.61 3.07 -42.20
C LEU A 184 -1.61 3.59 -41.17
N GLN A 185 -2.32 4.65 -41.54
CA GLN A 185 -3.32 5.28 -40.68
C GLN A 185 -4.70 5.05 -41.27
N THR A 186 -5.64 4.65 -40.43
CA THR A 186 -6.99 4.33 -40.90
C THR A 186 -7.77 5.49 -41.52
N SER A 187 -7.79 6.63 -40.82
CA SER A 187 -8.50 7.83 -41.28
C SER A 187 -7.72 9.08 -40.88
N SER A 188 -8.08 10.23 -41.45
CA SER A 188 -7.34 11.48 -41.21
C SER A 188 -7.39 12.15 -39.84
N GLY A 189 -8.48 11.95 -39.12
CA GLY A 189 -8.61 12.58 -37.81
C GLY A 189 -9.57 13.76 -37.90
N LEU A 190 -10.13 13.98 -39.09
CA LEU A 190 -11.10 15.05 -39.30
C LEU A 190 -12.30 14.43 -39.99
N GLY A 191 -13.48 14.66 -39.43
CA GLY A 191 -14.71 14.13 -40.01
C GLY A 191 -15.13 12.79 -39.44
N ALA A 192 -16.33 12.36 -39.82
CA ALA A 192 -16.88 11.09 -39.36
C ALA A 192 -16.00 9.93 -39.83
N THR A 193 -15.80 8.94 -38.97
CA THR A 193 -14.99 7.79 -39.33
C THR A 193 -15.91 6.60 -39.55
N HIS A 194 -15.61 5.78 -40.56
CA HIS A 194 -16.41 4.59 -40.86
C HIS A 194 -15.53 3.39 -41.12
N ALA A 195 -16.08 2.21 -40.83
CA ALA A 195 -15.42 0.93 -41.05
C ALA A 195 -14.02 0.81 -40.44
N THR A 196 -13.81 1.39 -39.27
CA THR A 196 -12.49 1.31 -38.63
C THR A 196 -12.06 -0.15 -38.37
N MET A 197 -12.94 -0.96 -37.79
CA MET A 197 -12.64 -2.36 -37.47
C MET A 197 -12.22 -3.12 -38.73
N PHE A 198 -12.99 -2.95 -39.80
CA PHE A 198 -12.72 -3.58 -41.08
C PHE A 198 -11.37 -3.09 -41.65
N THR A 199 -11.15 -1.78 -41.62
CA THR A 199 -9.91 -1.22 -42.14
C THR A 199 -8.71 -1.74 -41.32
N VAL A 200 -8.86 -1.83 -40.00
CA VAL A 200 -7.77 -2.35 -39.17
C VAL A 200 -7.42 -3.78 -39.56
N HIS A 201 -8.45 -4.59 -39.73
N HIS A 201 -8.46 -4.58 -39.73
CA HIS A 201 -8.27 -5.99 -40.11
CA HIS A 201 -8.33 -5.99 -40.09
C HIS A 201 -7.54 -6.12 -41.44
C HIS A 201 -7.59 -6.15 -41.43
N LEU A 202 -7.98 -5.37 -42.43
CA LEU A 202 -7.36 -5.40 -43.77
C LEU A 202 -5.93 -4.89 -43.76
N ILE A 203 -5.69 -3.82 -43.02
CA ILE A 203 -4.35 -3.26 -42.90
C ILE A 203 -3.41 -4.25 -42.23
N SER A 204 -3.88 -4.89 -41.18
CA SER A 204 -3.06 -5.86 -40.45
C SER A 204 -2.61 -6.98 -41.38
N ILE A 205 -3.55 -7.51 -42.17
CA ILE A 205 -3.23 -8.59 -43.12
C ILE A 205 -2.23 -8.13 -44.17
N ALA A 206 -2.47 -6.95 -44.75
CA ALA A 206 -1.61 -6.37 -45.79
C ALA A 206 -0.20 -6.14 -45.28
N LEU A 207 -0.11 -5.63 -44.06
CA LEU A 207 1.19 -5.38 -43.48
C LEU A 207 1.93 -6.68 -43.19
N ARG A 208 1.21 -7.65 -42.64
CA ARG A 208 1.83 -8.93 -42.31
C ARG A 208 2.44 -9.58 -43.54
N GLU A 209 1.66 -9.65 -44.61
N GLU A 209 1.68 -9.67 -44.64
CA GLU A 209 2.11 -10.24 -45.86
CA GLU A 209 2.23 -10.29 -45.84
C GLU A 209 3.23 -9.42 -46.52
C GLU A 209 3.31 -9.42 -46.46
N TYR A 210 3.16 -8.10 -46.38
CA TYR A 210 4.17 -7.21 -46.95
C TYR A 210 5.53 -7.48 -46.30
N MET A 211 5.54 -7.65 -44.99
N MET A 211 5.56 -7.65 -44.98
CA MET A 211 6.78 -7.93 -44.26
CA MET A 211 6.82 -7.91 -44.29
C MET A 211 7.44 -9.22 -44.75
C MET A 211 7.44 -9.22 -44.75
N VAL A 212 6.61 -10.23 -45.00
CA VAL A 212 7.11 -11.52 -45.47
C VAL A 212 7.80 -11.33 -46.83
N ARG A 213 7.06 -10.74 -47.78
N ARG A 213 7.07 -10.74 -47.77
CA ARG A 213 7.58 -10.50 -49.13
CA ARG A 213 7.57 -10.49 -49.12
C ARG A 213 8.78 -9.54 -49.15
C ARG A 213 8.78 -9.54 -49.15
N GLU A 214 8.74 -8.51 -48.32
CA GLU A 214 9.85 -7.54 -48.28
C GLU A 214 11.13 -8.18 -47.72
N ASN A 215 11.01 -9.06 -46.73
CA ASN A 215 12.19 -9.72 -46.18
C ASN A 215 12.83 -10.62 -47.25
N GLU A 216 11.99 -11.30 -48.02
CA GLU A 216 12.47 -12.17 -49.10
C GLU A 216 13.18 -11.32 -50.16
N ARG A 217 12.56 -10.20 -50.51
CA ARG A 217 13.11 -9.28 -51.49
C ARG A 217 14.49 -8.77 -51.06
N ILE A 218 14.65 -8.44 -49.77
CA ILE A 218 15.93 -7.95 -49.27
C ILE A 218 17.02 -9.02 -49.35
N ARG A 219 16.66 -10.25 -49.03
CA ARG A 219 17.63 -11.36 -49.07
C ARG A 219 18.10 -11.62 -50.49
N VAL A 220 17.19 -11.48 -51.45
CA VAL A 220 17.50 -11.69 -52.86
C VAL A 220 18.43 -10.62 -53.44
N GLU A 221 18.44 -9.43 -52.86
CA GLU A 221 19.33 -8.36 -53.35
C GLU A 221 20.79 -8.68 -52.99
N GLY A 222 21.01 -9.16 -51.77
CA GLY A 222 22.34 -9.53 -51.29
C GLY A 222 23.31 -8.36 -51.13
N VAL A 230 13.76 -5.52 -42.87
CA VAL A 230 12.70 -4.56 -43.18
C VAL A 230 12.58 -3.51 -42.08
N ARG A 231 12.18 -2.31 -42.47
CA ARG A 231 12.01 -1.20 -41.54
C ARG A 231 10.81 -1.43 -40.64
N CYS A 232 10.75 -0.71 -39.52
N CYS A 232 10.74 -0.64 -39.58
CA CYS A 232 9.61 -0.85 -38.61
CA CYS A 232 9.67 -0.74 -38.63
C CYS A 232 8.42 -0.11 -39.20
C CYS A 232 8.41 -0.08 -39.22
N ILE A 233 7.30 -0.81 -39.30
CA ILE A 233 6.06 -0.24 -39.85
C ILE A 233 4.90 -0.33 -38.86
N GLY A 234 4.28 0.80 -38.62
CA GLY A 234 3.18 0.87 -37.67
C GLY A 234 1.80 1.01 -38.23
N ILE A 235 0.83 0.86 -37.33
CA ILE A 235 -0.57 1.00 -37.63
C ILE A 235 -1.09 2.04 -36.66
N LYS A 236 -1.74 3.07 -37.18
CA LYS A 236 -2.35 4.10 -36.36
C LYS A 236 -3.85 3.98 -36.55
N ILE A 237 -4.53 3.67 -35.47
CA ILE A 237 -5.98 3.53 -35.46
C ILE A 237 -6.57 4.88 -35.06
N GLU A 238 -7.23 5.54 -36.00
CA GLU A 238 -7.86 6.83 -35.75
C GLU A 238 -9.28 6.46 -35.34
N VAL A 239 -9.63 6.66 -34.09
CA VAL A 239 -10.97 6.26 -33.63
C VAL A 239 -12.07 7.30 -33.75
N GLY A 240 -11.70 8.56 -33.84
CA GLY A 240 -12.69 9.63 -33.97
C GLY A 240 -13.14 10.17 -32.63
N ASP A 241 -14.45 10.33 -32.47
CA ASP A 241 -14.98 10.86 -31.22
C ASP A 241 -15.68 9.79 -30.38
N VAL A 242 -15.33 8.53 -30.60
CA VAL A 242 -15.93 7.45 -29.83
C VAL A 242 -15.47 7.57 -28.37
N HIS A 243 -16.07 6.79 -27.50
CA HIS A 243 -15.71 6.84 -26.09
C HIS A 243 -14.61 5.83 -25.76
N MET A 244 -14.22 5.80 -24.49
CA MET A 244 -13.13 4.93 -24.05
C MET A 244 -13.35 3.42 -24.24
N ALA A 245 -14.56 2.94 -23.97
CA ALA A 245 -14.82 1.51 -24.09
C ALA A 245 -14.62 1.02 -25.52
N GLU A 246 -15.13 1.76 -26.50
CA GLU A 246 -14.96 1.38 -27.90
C GLU A 246 -13.49 1.47 -28.32
N THR A 247 -12.79 2.47 -27.80
CA THR A 247 -11.37 2.66 -28.07
C THR A 247 -10.58 1.46 -27.53
N ALA A 248 -10.92 1.03 -26.32
CA ALA A 248 -10.27 -0.12 -25.70
C ALA A 248 -10.51 -1.37 -26.54
N ASP A 249 -11.69 -1.48 -27.14
CA ASP A 249 -12.01 -2.63 -27.98
C ASP A 249 -11.08 -2.63 -29.20
N PHE A 250 -10.76 -1.45 -29.74
CA PHE A 250 -9.84 -1.38 -30.89
C PHE A 250 -8.43 -1.78 -30.44
N LEU A 251 -8.05 -1.39 -29.23
CA LEU A 251 -6.77 -1.75 -28.66
C LEU A 251 -6.69 -3.28 -28.57
N MET A 252 -7.79 -3.87 -28.13
N MET A 252 -7.77 -3.93 -28.14
CA MET A 252 -7.88 -5.31 -27.96
CA MET A 252 -7.75 -5.39 -28.05
C MET A 252 -7.81 -5.99 -29.34
C MET A 252 -7.63 -6.01 -29.45
N GLN A 253 -8.36 -5.33 -30.35
N GLN A 253 -8.37 -5.47 -30.41
CA GLN A 253 -8.35 -5.87 -31.72
CA GLN A 253 -8.32 -5.99 -31.77
C GLN A 253 -6.91 -5.91 -32.24
C GLN A 253 -6.87 -5.92 -32.29
N MET A 254 -6.17 -4.83 -31.98
CA MET A 254 -4.77 -4.70 -32.39
C MET A 254 -3.92 -5.84 -31.77
N ILE A 255 -3.97 -6.03 -30.45
N ILE A 255 -4.03 -6.01 -30.46
CA ILE A 255 -3.20 -7.11 -29.81
CA ILE A 255 -3.26 -7.03 -29.74
C ILE A 255 -3.61 -8.48 -30.32
C ILE A 255 -3.63 -8.46 -30.19
N PHE A 256 -4.91 -8.69 -30.46
CA PHE A 256 -5.37 -9.98 -30.92
C PHE A 256 -4.85 -10.30 -32.32
N GLU A 257 -4.91 -9.33 -33.22
N GLU A 257 -4.89 -9.33 -33.22
CA GLU A 257 -4.46 -9.53 -34.60
CA GLU A 257 -4.43 -9.60 -34.59
C GLU A 257 -2.95 -9.46 -34.82
C GLU A 257 -2.93 -9.50 -34.79
N ASN A 258 -2.29 -8.56 -34.11
CA ASN A 258 -0.84 -8.35 -34.28
C ASN A 258 0.12 -8.70 -33.14
N GLY A 259 -0.43 -9.10 -32.01
CA GLY A 259 0.35 -9.52 -30.87
C GLY A 259 0.83 -8.44 -29.93
N PRO A 260 1.24 -8.86 -28.73
CA PRO A 260 1.73 -7.88 -27.77
C PRO A 260 2.95 -7.13 -28.25
N ARG A 261 3.79 -7.75 -29.06
CA ARG A 261 4.98 -7.06 -29.55
C ARG A 261 4.68 -5.89 -30.49
N SER A 262 3.45 -5.81 -30.97
CA SER A 262 3.06 -4.71 -31.83
C SER A 262 2.62 -3.50 -30.99
N ILE A 263 2.37 -3.69 -29.71
CA ILE A 263 1.92 -2.60 -28.84
C ILE A 263 3.13 -1.85 -28.27
N VAL A 264 3.78 -1.13 -29.16
CA VAL A 264 4.96 -0.32 -28.88
C VAL A 264 4.82 0.91 -29.76
N ARG A 265 5.35 2.04 -29.31
CA ARG A 265 5.22 3.30 -30.05
C ARG A 265 5.68 3.31 -31.50
N ASP A 266 6.72 2.54 -31.83
N ASP A 266 6.74 2.56 -31.85
CA ASP A 266 7.24 2.47 -33.19
CA ASP A 266 7.16 2.59 -33.26
C ASP A 266 6.32 1.68 -34.12
C ASP A 266 6.29 1.71 -34.15
N LYS A 267 5.33 0.98 -33.56
CA LYS A 267 4.43 0.15 -34.35
C LYS A 267 2.95 0.41 -34.10
N PHE A 268 2.62 1.32 -33.19
CA PHE A 268 1.23 1.55 -32.89
C PHE A 268 0.93 2.92 -32.31
N ARG A 269 -0.16 3.51 -32.78
CA ARG A 269 -0.64 4.79 -32.28
C ARG A 269 -2.16 4.75 -32.32
N VAL A 270 -2.77 5.49 -31.41
CA VAL A 270 -4.22 5.62 -31.35
C VAL A 270 -4.50 7.10 -31.53
N GLY A 271 -5.29 7.43 -32.54
CA GLY A 271 -5.62 8.82 -32.80
C GLY A 271 -7.04 9.11 -32.36
N GLY A 272 -7.22 10.20 -31.63
CA GLY A 272 -8.54 10.56 -31.15
C GLY A 272 -8.66 12.04 -30.86
N GLY A 273 -9.86 12.45 -30.48
CA GLY A 273 -10.14 13.83 -30.19
C GLY A 273 -9.78 14.31 -28.81
N PHE A 274 -9.98 15.61 -28.63
CA PHE A 274 -9.68 16.28 -27.39
C PHE A 274 -10.58 15.80 -26.24
N ASN A 275 -11.87 15.57 -26.51
CA ASN A 275 -12.74 15.07 -25.42
C ASN A 275 -12.31 13.68 -24.96
N LEU A 276 -11.87 12.85 -25.90
CA LEU A 276 -11.43 11.50 -25.55
C LEU A 276 -10.15 11.59 -24.72
N LEU A 277 -9.28 12.51 -25.09
CA LEU A 277 -8.04 12.68 -24.33
C LEU A 277 -8.37 13.08 -22.89
N LYS A 278 -9.29 14.01 -22.72
CA LYS A 278 -9.69 14.46 -21.38
C LYS A 278 -10.33 13.31 -20.58
N GLU A 279 -11.09 12.45 -21.26
CA GLU A 279 -11.72 11.30 -20.63
C GLU A 279 -10.64 10.32 -20.13
N LEU A 280 -9.63 10.08 -20.95
CA LEU A 280 -8.53 9.18 -20.59
C LEU A 280 -7.77 9.75 -19.39
N ARG A 281 -7.47 11.04 -19.42
CA ARG A 281 -6.75 11.62 -18.28
C ARG A 281 -7.54 11.54 -16.99
N ASP A 282 -8.82 11.87 -17.03
CA ASP A 282 -9.66 11.83 -15.84
C ASP A 282 -9.72 10.42 -15.27
N CYS A 283 -9.73 9.42 -16.13
CA CYS A 283 -9.77 8.04 -15.65
C CYS A 283 -8.44 7.70 -15.00
N TYR A 284 -7.33 7.92 -15.70
CA TYR A 284 -6.02 7.62 -15.14
C TYR A 284 -5.71 8.34 -13.84
N GLU A 285 -6.07 9.62 -13.77
CA GLU A 285 -5.81 10.42 -12.57
C GLU A 285 -6.53 9.92 -11.31
N SER A 286 -7.55 9.09 -11.49
CA SER A 286 -8.29 8.56 -10.36
C SER A 286 -7.52 7.45 -9.65
N TRP A 287 -6.44 6.95 -10.27
CA TRP A 287 -5.63 5.93 -9.64
C TRP A 287 -4.69 6.62 -8.64
N ASP A 288 -4.62 6.11 -7.43
CA ASP A 288 -3.78 6.69 -6.38
C ASP A 288 -2.35 6.17 -6.48
N SER A 289 -1.44 7.04 -6.90
CA SER A 289 -0.05 6.67 -7.05
C SER A 289 0.74 6.79 -5.74
N VAL A 290 0.21 7.53 -4.77
CA VAL A 290 0.91 7.71 -3.51
C VAL A 290 0.94 6.45 -2.65
N GLY A 291 2.13 6.09 -2.16
CA GLY A 291 2.29 4.91 -1.32
C GLY A 291 2.75 5.26 0.08
N LEU B 13 -21.86 7.02 47.53
CA LEU B 13 -20.67 6.92 46.63
C LEU B 13 -19.63 8.00 46.94
N TYR B 14 -18.39 7.57 47.13
CA TYR B 14 -17.28 8.46 47.43
C TYR B 14 -16.24 8.48 46.32
N PHE B 15 -15.59 9.64 46.19
CA PHE B 15 -14.52 9.88 45.22
C PHE B 15 -14.83 9.39 43.81
N GLN B 16 -16.03 9.72 43.34
CA GLN B 16 -16.48 9.31 42.00
C GLN B 16 -16.00 10.26 40.91
N GLY B 17 -15.54 11.45 41.28
CA GLY B 17 -15.08 12.42 40.30
C GLY B 17 -13.98 11.93 39.36
N ILE B 18 -13.15 11.01 39.85
CA ILE B 18 -12.05 10.49 39.05
C ILE B 18 -12.50 9.86 37.73
N TYR B 19 -13.67 9.23 37.69
CA TYR B 19 -14.09 8.58 36.44
C TYR B 19 -14.32 9.59 35.31
N LYS B 20 -14.98 10.69 35.63
CA LYS B 20 -15.26 11.71 34.63
C LYS B 20 -13.93 12.41 34.25
N GLN B 21 -13.06 12.60 35.23
CA GLN B 21 -11.77 13.23 35.01
C GLN B 21 -10.92 12.39 34.06
N PHE B 22 -10.92 11.08 34.29
CA PHE B 22 -10.17 10.18 33.44
C PHE B 22 -10.76 10.19 32.03
N THR B 23 -12.08 10.20 31.95
CA THR B 23 -12.70 10.22 30.64
C THR B 23 -12.35 11.51 29.89
N SER B 24 -12.32 12.63 30.61
N SER B 24 -12.32 12.64 30.60
CA SER B 24 -11.99 13.91 29.99
CA SER B 24 -11.99 13.91 29.96
C SER B 24 -10.56 13.91 29.48
C SER B 24 -10.55 13.91 29.47
N ARG B 25 -9.64 13.39 30.29
CA ARG B 25 -8.24 13.33 29.91
C ARG B 25 -8.08 12.47 28.67
N THR B 26 -8.85 11.39 28.61
CA THR B 26 -8.78 10.48 27.47
C THR B 26 -9.28 11.18 26.21
N LEU B 27 -10.44 11.82 26.30
CA LEU B 27 -11.01 12.54 25.15
C LEU B 27 -10.09 13.64 24.66
N LEU B 28 -9.49 14.40 25.58
CA LEU B 28 -8.57 15.45 25.16
C LEU B 28 -7.43 14.90 24.29
N ASN B 29 -6.97 13.71 24.61
CA ASN B 29 -5.89 13.10 23.88
C ASN B 29 -6.20 12.86 22.40
N PHE B 30 -7.48 12.68 22.06
CA PHE B 30 -7.87 12.42 20.67
C PHE B 30 -8.73 13.53 20.07
N PHE B 31 -8.83 14.64 20.77
CA PHE B 31 -9.72 15.72 20.32
C PHE B 31 -9.18 16.69 19.28
N GLU B 32 -10.06 17.02 18.33
CA GLU B 32 -9.75 17.98 17.28
C GLU B 32 -10.90 18.98 17.34
N VAL B 33 -10.60 20.22 17.69
CA VAL B 33 -11.64 21.22 17.81
C VAL B 33 -11.88 21.93 16.49
N ALA B 34 -13.16 22.09 16.14
CA ALA B 34 -13.53 22.76 14.90
C ALA B 34 -13.83 24.23 15.13
N ALA B 35 -13.25 25.08 14.30
CA ALA B 35 -13.45 26.53 14.36
C ALA B 35 -13.66 26.87 12.89
N LEU B 36 -14.78 26.44 12.34
CA LEU B 36 -15.11 26.59 10.93
C LEU B 36 -16.31 27.47 10.59
N THR B 37 -16.92 28.11 11.59
CA THR B 37 -18.09 28.94 11.31
C THR B 37 -17.82 30.11 10.36
N ASP B 38 -18.88 30.57 9.71
CA ASP B 38 -18.79 31.69 8.77
C ASP B 38 -18.25 32.94 9.44
N GLY B 39 -18.57 33.10 10.71
CA GLY B 39 -18.18 34.29 11.47
C GLY B 39 -16.80 34.31 12.08
N GLU B 40 -15.98 33.30 11.82
CA GLU B 40 -14.64 33.26 12.41
C GLU B 40 -13.76 34.46 11.98
N THR B 41 -12.93 34.90 12.91
CA THR B 41 -12.00 36.00 12.71
C THR B 41 -10.67 35.52 13.30
N ASN B 42 -9.57 36.21 13.02
CA ASN B 42 -8.29 35.81 13.59
C ASN B 42 -8.38 35.77 15.12
N GLU B 43 -9.07 36.75 15.71
N GLU B 43 -9.09 36.74 15.70
CA GLU B 43 -9.23 36.80 17.16
CA GLU B 43 -9.24 36.81 17.15
C GLU B 43 -9.99 35.59 17.71
C GLU B 43 -9.99 35.61 17.71
N SER B 44 -11.10 35.23 17.09
CA SER B 44 -11.89 34.08 17.55
C SER B 44 -11.11 32.76 17.35
N VAL B 45 -10.38 32.64 16.26
CA VAL B 45 -9.58 31.44 16.00
C VAL B 45 -8.44 31.36 17.03
N ALA B 46 -7.87 32.52 17.35
CA ALA B 46 -6.79 32.59 18.33
C ALA B 46 -7.28 32.08 19.69
N ALA B 47 -8.49 32.48 20.08
CA ALA B 47 -9.06 32.07 21.35
C ALA B 47 -9.17 30.54 21.42
N VAL B 48 -9.60 29.92 20.32
CA VAL B 48 -9.75 28.47 20.27
C VAL B 48 -8.41 27.76 20.33
N CYS B 49 -7.45 28.22 19.53
CA CYS B 49 -6.13 27.63 19.50
C CYS B 49 -5.42 27.66 20.86
N LYS B 50 -5.63 28.74 21.61
CA LYS B 50 -5.00 28.87 22.93
C LYS B 50 -5.52 27.78 23.86
N ILE B 51 -6.83 27.55 23.85
CA ILE B 51 -7.41 26.51 24.69
C ILE B 51 -7.02 25.11 24.18
N ALA B 52 -6.93 24.96 22.87
CA ALA B 52 -6.54 23.68 22.31
C ALA B 52 -5.09 23.33 22.67
N ALA B 53 -4.23 24.34 22.68
CA ALA B 53 -2.81 24.14 22.95
C ALA B 53 -2.39 24.11 24.41
N LYS B 54 -3.31 24.41 25.32
CA LYS B 54 -3.02 24.41 26.75
C LYS B 54 -2.61 23.00 27.17
N ASP B 55 -1.55 22.89 27.96
CA ASP B 55 -1.06 21.58 28.43
C ASP B 55 -2.14 20.94 29.30
N PRO B 56 -2.58 19.70 28.98
CA PRO B 56 -2.19 18.81 27.88
C PRO B 56 -2.91 19.17 26.57
N ALA B 57 -2.13 19.44 25.53
CA ALA B 57 -2.68 19.82 24.24
C ALA B 57 -3.48 18.72 23.57
N ILE B 58 -4.51 19.13 22.84
CA ILE B 58 -5.36 18.20 22.11
C ILE B 58 -4.62 17.90 20.82
N VAL B 59 -5.20 17.12 19.93
CA VAL B 59 -4.51 16.79 18.70
C VAL B 59 -4.36 17.99 17.78
N GLY B 60 -5.46 18.69 17.56
CA GLY B 60 -5.39 19.84 16.69
C GLY B 60 -6.65 20.65 16.54
N VAL B 61 -6.62 21.54 15.57
N VAL B 61 -6.63 21.55 15.58
CA VAL B 61 -7.73 22.42 15.26
CA VAL B 61 -7.75 22.42 15.29
C VAL B 61 -8.05 22.32 13.78
C VAL B 61 -8.05 22.35 13.80
N SER B 62 -9.34 22.41 13.45
CA SER B 62 -9.79 22.36 12.07
C SER B 62 -10.28 23.76 11.71
N VAL B 63 -9.71 24.34 10.66
CA VAL B 63 -10.09 25.67 10.19
C VAL B 63 -10.12 25.71 8.68
N ARG B 64 -10.69 26.78 8.14
CA ARG B 64 -10.70 26.95 6.69
C ARG B 64 -9.27 27.41 6.36
N PRO B 65 -8.81 27.16 5.13
CA PRO B 65 -7.46 27.54 4.71
C PRO B 65 -7.05 28.99 5.02
N ALA B 66 -8.03 29.88 5.06
CA ALA B 66 -7.81 31.30 5.35
C ALA B 66 -7.10 31.60 6.66
N PHE B 67 -7.18 30.69 7.63
CA PHE B 67 -6.56 30.91 8.93
C PHE B 67 -5.27 30.18 9.23
N VAL B 68 -4.81 29.37 8.28
CA VAL B 68 -3.61 28.59 8.49
C VAL B 68 -2.33 29.42 8.72
N ARG B 69 -2.03 30.38 7.85
CA ARG B 69 -0.80 31.16 8.05
C ARG B 69 -0.86 32.00 9.31
N PHE B 70 -2.04 32.47 9.68
CA PHE B 70 -2.19 33.24 10.92
C PHE B 70 -1.71 32.40 12.11
N ILE B 71 -2.26 31.19 12.22
CA ILE B 71 -1.90 30.29 13.31
C ILE B 71 -0.43 29.90 13.28
N ARG B 72 0.04 29.51 12.10
CA ARG B 72 1.42 29.07 11.93
C ARG B 72 2.52 30.11 11.90
N GLN B 73 2.24 31.31 11.46
CA GLN B 73 3.27 32.36 11.38
C GLN B 73 3.18 33.47 12.41
N GLU B 74 1.96 33.95 12.64
CA GLU B 74 1.74 35.06 13.57
C GLU B 74 1.36 34.71 15.01
N LEU B 75 0.37 33.85 15.18
CA LEU B 75 -0.09 33.50 16.52
C LEU B 75 1.01 32.88 17.38
N VAL B 76 1.86 32.05 16.77
CA VAL B 76 2.93 31.37 17.49
C VAL B 76 3.87 32.37 18.17
N LYS B 77 3.92 33.60 17.68
CA LYS B 77 4.78 34.63 18.27
C LYS B 77 4.35 34.99 19.69
N SER B 78 3.04 35.15 19.90
CA SER B 78 2.51 35.49 21.21
C SER B 78 2.10 34.25 22.00
N ALA B 79 1.80 33.16 21.29
CA ALA B 79 1.39 31.91 21.91
C ALA B 79 2.24 30.77 21.34
N PRO B 80 3.49 30.64 21.81
CA PRO B 80 4.38 29.61 21.31
C PRO B 80 3.82 28.19 21.36
N GLU B 81 2.97 27.91 22.34
CA GLU B 81 2.39 26.58 22.48
C GLU B 81 1.54 26.10 21.30
N VAL B 82 1.00 27.01 20.49
CA VAL B 82 0.16 26.58 19.36
C VAL B 82 0.95 25.76 18.33
N ALA B 83 2.28 25.80 18.40
CA ALA B 83 3.10 25.02 17.49
C ALA B 83 2.93 23.54 17.85
N GLY B 84 2.49 23.29 19.08
CA GLY B 84 2.27 21.94 19.60
C GLY B 84 1.02 21.24 19.14
N ILE B 85 0.13 21.93 18.43
CA ILE B 85 -1.09 21.29 17.94
C ILE B 85 -1.07 21.29 16.42
N LYS B 86 -1.74 20.32 15.81
CA LYS B 86 -1.80 20.24 14.36
C LYS B 86 -2.87 21.17 13.81
N VAL B 87 -2.64 21.64 12.59
CA VAL B 87 -3.60 22.49 11.92
C VAL B 87 -4.13 21.73 10.71
N CYS B 88 -5.44 21.48 10.71
CA CYS B 88 -6.10 20.77 9.64
C CYS B 88 -6.90 21.79 8.86
N ALA B 89 -6.70 21.85 7.54
CA ALA B 89 -7.39 22.81 6.68
C ALA B 89 -8.50 22.11 5.90
N ALA B 90 -9.69 22.69 5.94
CA ALA B 90 -10.86 22.13 5.25
C ALA B 90 -11.00 22.65 3.82
N VAL B 91 -10.96 21.74 2.85
CA VAL B 91 -11.08 22.11 1.45
C VAL B 91 -12.36 21.52 0.89
N ASN B 92 -12.81 22.12 -0.21
CA ASN B 92 -14.06 21.76 -0.91
C ASN B 92 -15.16 21.95 0.12
N PHE B 93 -14.96 22.95 0.97
CA PHE B 93 -15.84 23.22 2.10
C PHE B 93 -16.61 24.54 2.01
N PRO B 94 -17.85 24.55 2.50
CA PRO B 94 -18.59 23.45 3.12
C PRO B 94 -19.55 22.66 2.23
N GLU B 95 -19.59 22.91 0.92
CA GLU B 95 -20.57 22.23 0.05
C GLU B 95 -20.13 20.96 -0.69
N GLY B 96 -18.83 20.79 -0.89
CA GLY B 96 -18.31 19.61 -1.59
C GLY B 96 -18.59 19.59 -3.09
N THR B 97 -18.82 20.75 -3.70
CA THR B 97 -19.15 20.82 -5.12
C THR B 97 -18.06 21.34 -6.06
N GLY B 98 -16.84 21.47 -5.54
CA GLY B 98 -15.73 21.95 -6.33
C GLY B 98 -15.15 20.95 -7.31
N THR B 99 -14.37 21.44 -8.28
CA THR B 99 -13.75 20.55 -9.24
C THR B 99 -12.49 20.00 -8.58
N PRO B 100 -12.08 18.78 -8.95
CA PRO B 100 -10.86 18.24 -8.36
C PRO B 100 -9.65 19.14 -8.54
N ASP B 101 -9.51 19.78 -9.70
CA ASP B 101 -8.36 20.67 -9.92
C ASP B 101 -8.34 21.86 -8.95
N THR B 102 -9.48 22.49 -8.74
CA THR B 102 -9.57 23.64 -7.84
C THR B 102 -9.38 23.23 -6.38
N VAL B 103 -9.97 22.11 -5.99
CA VAL B 103 -9.83 21.63 -4.62
C VAL B 103 -8.36 21.28 -4.38
N SER B 104 -7.70 20.69 -5.37
CA SER B 104 -6.29 20.35 -5.22
C SER B 104 -5.48 21.62 -5.00
N LEU B 105 -5.82 22.71 -5.71
CA LEU B 105 -5.11 23.98 -5.53
C LEU B 105 -5.36 24.53 -4.13
N GLU B 106 -6.57 24.36 -3.60
CA GLU B 106 -6.91 24.81 -2.26
C GLU B 106 -5.99 24.08 -1.26
N ALA B 107 -5.79 22.79 -1.47
CA ALA B 107 -4.92 21.98 -0.62
C ALA B 107 -3.46 22.44 -0.73
N VAL B 108 -3.00 22.70 -1.95
CA VAL B 108 -1.62 23.16 -2.17
C VAL B 108 -1.37 24.43 -1.38
N GLY B 109 -2.34 25.35 -1.45
CA GLY B 109 -2.27 26.63 -0.74
C GLY B 109 -2.21 26.45 0.76
N ALA B 110 -3.07 25.60 1.29
CA ALA B 110 -3.13 25.30 2.74
C ALA B 110 -1.83 24.70 3.24
N LEU B 111 -1.28 23.76 2.48
CA LEU B 111 -0.03 23.12 2.85
C LEU B 111 1.11 24.13 2.82
N LYS B 112 1.13 24.96 1.79
CA LYS B 112 2.17 25.97 1.65
C LYS B 112 2.12 26.93 2.85
N ASP B 113 0.91 27.21 3.34
CA ASP B 113 0.73 28.09 4.50
C ASP B 113 1.04 27.45 5.84
N GLY B 114 1.30 26.14 5.85
CA GLY B 114 1.63 25.44 7.10
C GLY B 114 0.69 24.37 7.61
N ALA B 115 -0.32 23.99 6.83
CA ALA B 115 -1.26 22.97 7.30
C ALA B 115 -0.58 21.59 7.44
N ASP B 116 -0.90 20.90 8.52
CA ASP B 116 -0.37 19.56 8.79
C ASP B 116 -1.23 18.48 8.17
N GLU B 117 -2.52 18.78 8.07
CA GLU B 117 -3.50 17.83 7.54
C GLU B 117 -4.50 18.58 6.69
N ILE B 118 -5.23 17.82 5.87
CA ILE B 118 -6.25 18.36 4.99
C ILE B 118 -7.52 17.55 5.17
N GLU B 119 -8.64 18.25 5.34
CA GLU B 119 -9.97 17.67 5.47
C GLU B 119 -10.67 18.00 4.15
N CYS B 120 -11.12 16.99 3.40
CA CYS B 120 -11.76 17.22 2.12
C CYS B 120 -13.17 16.63 2.05
N LEU B 121 -14.14 17.46 1.67
CA LEU B 121 -15.52 16.99 1.54
C LEU B 121 -15.72 16.38 0.16
N ILE B 122 -16.65 15.42 0.07
CA ILE B 122 -16.97 14.79 -1.21
C ILE B 122 -18.24 15.44 -1.73
N ASP B 123 -18.57 15.19 -3.00
CA ASP B 123 -19.77 15.76 -3.59
C ASP B 123 -20.89 14.75 -3.31
N TRP B 124 -21.42 14.83 -2.09
CA TRP B 124 -22.48 13.92 -1.66
C TRP B 124 -23.76 14.07 -2.47
N ARG B 125 -24.05 15.27 -2.99
CA ARG B 125 -25.25 15.46 -3.81
C ARG B 125 -25.18 14.60 -5.06
N ARG B 126 -24.00 14.50 -5.65
CA ARG B 126 -23.80 13.68 -6.84
C ARG B 126 -24.01 12.21 -6.53
N MET B 127 -23.50 11.76 -5.38
N MET B 127 -23.52 11.77 -5.38
CA MET B 127 -23.65 10.37 -4.94
CA MET B 127 -23.63 10.39 -4.96
C MET B 127 -25.12 10.00 -4.88
C MET B 127 -25.09 9.99 -4.86
N ASN B 128 -25.92 10.89 -4.33
CA ASN B 128 -27.37 10.64 -4.20
C ASN B 128 -28.16 10.62 -5.51
N GLU B 129 -27.68 11.27 -6.55
CA GLU B 129 -28.45 11.25 -7.81
C GLU B 129 -28.02 10.20 -8.84
N ASN B 130 -26.78 9.74 -8.76
CA ASN B 130 -26.25 8.72 -9.68
C ASN B 130 -25.08 8.12 -8.92
N VAL B 131 -25.32 6.98 -8.28
CA VAL B 131 -24.29 6.33 -7.47
C VAL B 131 -22.97 6.04 -8.21
N ALA B 132 -23.07 5.45 -9.39
CA ALA B 132 -21.87 5.13 -10.19
C ALA B 132 -21.05 6.37 -10.50
N ASP B 133 -21.69 7.41 -11.03
CA ASP B 133 -21.01 8.65 -11.37
C ASP B 133 -20.47 9.30 -10.10
N GLY B 134 -21.27 9.29 -9.04
CA GLY B 134 -20.84 9.88 -7.77
C GLY B 134 -19.59 9.21 -7.23
N GLU B 135 -19.53 7.89 -7.39
CA GLU B 135 -18.37 7.14 -6.91
C GLU B 135 -17.12 7.48 -7.74
N SER B 136 -17.26 7.61 -9.05
N SER B 136 -17.28 7.61 -9.05
CA SER B 136 -16.10 7.95 -9.89
CA SER B 136 -16.15 7.95 -9.91
C SER B 136 -15.60 9.35 -9.56
C SER B 136 -15.62 9.34 -9.58
N ARG B 137 -16.52 10.25 -9.23
CA ARG B 137 -16.14 11.62 -8.85
C ARG B 137 -15.35 11.63 -7.55
N ILE B 138 -15.79 10.83 -6.58
CA ILE B 138 -15.07 10.73 -5.29
C ILE B 138 -13.67 10.21 -5.52
N ARG B 139 -13.58 9.15 -6.31
CA ARG B 139 -12.31 8.55 -6.59
C ARG B 139 -11.32 9.55 -7.19
N LEU B 140 -11.77 10.31 -8.19
CA LEU B 140 -10.92 11.29 -8.83
C LEU B 140 -10.52 12.43 -7.89
N LEU B 141 -11.50 12.97 -7.17
CA LEU B 141 -11.25 14.07 -6.25
C LEU B 141 -10.23 13.68 -5.20
N VAL B 142 -10.45 12.56 -4.54
CA VAL B 142 -9.55 12.10 -3.48
C VAL B 142 -8.13 11.82 -4.01
N SER B 143 -8.04 11.15 -5.15
N SER B 143 -8.04 11.14 -5.15
CA SER B 143 -6.73 10.84 -5.73
CA SER B 143 -6.72 10.85 -5.74
C SER B 143 -5.96 12.12 -6.08
C SER B 143 -5.95 12.12 -6.07
N GLU B 144 -6.64 13.09 -6.69
CA GLU B 144 -6.00 14.35 -7.05
C GLU B 144 -5.54 15.12 -5.82
N VAL B 145 -6.36 15.11 -4.78
CA VAL B 145 -6.00 15.81 -3.56
C VAL B 145 -4.88 15.06 -2.84
N LYS B 146 -4.95 13.74 -2.77
CA LYS B 146 -3.91 12.96 -2.11
C LYS B 146 -2.56 13.17 -2.79
N LYS B 147 -2.57 13.30 -4.11
CA LYS B 147 -1.33 13.51 -4.85
C LYS B 147 -0.61 14.76 -4.34
N VAL B 148 -1.34 15.85 -4.08
CA VAL B 148 -0.67 17.08 -3.60
C VAL B 148 -0.40 17.02 -2.10
N VAL B 149 -1.19 16.24 -1.37
CA VAL B 149 -0.99 16.09 0.08
C VAL B 149 0.26 15.24 0.35
N GLY B 150 0.48 14.26 -0.52
CA GLY B 150 1.63 13.37 -0.37
C GLY B 150 1.60 12.55 0.90
N PRO B 151 2.69 12.58 1.68
CA PRO B 151 2.81 11.81 2.93
C PRO B 151 2.00 12.35 4.10
N LYS B 152 1.45 13.56 3.96
CA LYS B 152 0.65 14.13 5.04
C LYS B 152 -0.71 13.46 5.09
N THR B 153 -1.45 13.73 6.16
CA THR B 153 -2.75 13.13 6.37
C THR B 153 -3.92 13.80 5.67
N LEU B 154 -4.66 12.99 4.90
CA LEU B 154 -5.84 13.43 4.20
C LEU B 154 -7.06 12.73 4.83
N LYS B 155 -7.98 13.53 5.36
CA LYS B 155 -9.22 13.03 5.97
C LYS B 155 -10.32 13.32 4.96
N VAL B 156 -11.12 12.32 4.62
CA VAL B 156 -12.20 12.52 3.67
C VAL B 156 -13.51 12.43 4.42
N VAL B 157 -14.33 13.47 4.28
CA VAL B 157 -15.61 13.58 4.95
C VAL B 157 -16.67 12.96 4.08
N LEU B 158 -17.33 11.95 4.61
CA LEU B 158 -18.34 11.30 3.80
C LEU B 158 -19.69 12.02 3.87
N SER B 159 -19.90 12.78 4.93
CA SER B 159 -21.17 13.49 5.14
C SER B 159 -22.21 12.38 5.19
N GLY B 160 -21.96 11.42 6.07
CA GLY B 160 -22.81 10.25 6.25
C GLY B 160 -24.29 10.52 6.45
N GLY B 161 -24.61 11.64 7.09
CA GLY B 161 -25.99 12.04 7.34
C GLY B 161 -26.67 12.59 6.12
N GLU B 162 -25.87 13.00 5.12
CA GLU B 162 -26.39 13.54 3.87
C GLU B 162 -26.50 12.45 2.79
N LEU B 163 -25.68 11.41 2.89
CA LEU B 163 -25.72 10.31 1.92
C LEU B 163 -26.98 9.50 2.21
N GLN B 164 -27.71 9.17 1.15
CA GLN B 164 -28.96 8.43 1.31
C GLN B 164 -28.86 6.92 1.22
N GLY B 165 -28.59 6.28 2.36
CA GLY B 165 -28.53 4.83 2.40
C GLY B 165 -27.19 4.19 2.66
N GLY B 166 -27.27 3.01 3.27
CA GLY B 166 -26.11 2.22 3.61
C GLY B 166 -25.22 1.86 2.44
N ASP B 167 -25.83 1.44 1.33
CA ASP B 167 -25.02 1.06 0.17
C ASP B 167 -24.22 2.25 -0.36
N ILE B 168 -24.86 3.41 -0.41
CA ILE B 168 -24.21 4.63 -0.88
C ILE B 168 -23.03 4.99 0.04
N ILE B 169 -23.25 4.91 1.34
CA ILE B 169 -22.20 5.20 2.31
C ILE B 169 -21.01 4.25 2.12
N SER B 170 -21.29 2.96 1.98
CA SER B 170 -20.24 1.96 1.78
C SER B 170 -19.44 2.20 0.50
N ARG B 171 -20.13 2.49 -0.60
CA ARG B 171 -19.44 2.75 -1.87
C ARG B 171 -18.60 4.02 -1.76
N ALA B 172 -19.11 5.02 -1.05
CA ALA B 172 -18.37 6.28 -0.87
C ALA B 172 -17.09 6.03 -0.09
N ALA B 173 -17.20 5.23 0.98
CA ALA B 173 -16.05 4.87 1.82
C ALA B 173 -14.97 4.14 1.04
N VAL B 174 -15.37 3.14 0.26
CA VAL B 174 -14.40 2.37 -0.52
C VAL B 174 -13.73 3.25 -1.58
N ALA B 175 -14.51 4.09 -2.27
CA ALA B 175 -13.94 4.97 -3.29
C ALA B 175 -12.90 5.90 -2.64
N ALA B 176 -13.23 6.44 -1.46
CA ALA B 176 -12.29 7.34 -0.75
C ALA B 176 -11.03 6.61 -0.34
N LEU B 177 -11.18 5.39 0.16
CA LEU B 177 -10.02 4.59 0.56
C LEU B 177 -9.15 4.30 -0.65
N GLU B 178 -9.76 3.90 -1.76
CA GLU B 178 -9.00 3.62 -2.98
C GLU B 178 -8.31 4.85 -3.56
N GLY B 179 -8.94 6.01 -3.40
CA GLY B 179 -8.40 7.28 -3.86
C GLY B 179 -7.22 7.73 -3.01
N GLY B 180 -7.09 7.17 -1.81
CA GLY B 180 -5.97 7.49 -0.90
C GLY B 180 -6.27 8.14 0.44
N ALA B 181 -7.53 8.10 0.89
CA ALA B 181 -7.87 8.69 2.18
C ALA B 181 -7.09 8.00 3.31
N ASP B 182 -6.56 8.80 4.24
CA ASP B 182 -5.83 8.30 5.40
C ASP B 182 -6.77 8.18 6.59
N PHE B 183 -7.86 8.94 6.55
CA PHE B 183 -8.93 8.95 7.55
C PHE B 183 -10.26 9.12 6.86
N LEU B 184 -11.29 8.48 7.41
CA LEU B 184 -12.65 8.65 6.93
C LEU B 184 -13.31 9.39 8.10
N GLN B 185 -13.93 10.53 7.78
CA GLN B 185 -14.57 11.39 8.78
C GLN B 185 -16.08 11.41 8.56
N THR B 186 -16.83 11.27 9.64
CA THR B 186 -18.29 11.18 9.56
C THR B 186 -19.02 12.43 9.05
N SER B 187 -18.62 13.61 9.51
CA SER B 187 -19.25 14.86 9.08
C SER B 187 -18.19 15.96 9.07
N SER B 188 -18.50 17.10 8.45
CA SER B 188 -17.53 18.19 8.29
C SER B 188 -17.04 18.96 9.50
N GLY B 189 -17.87 19.08 10.53
CA GLY B 189 -17.49 19.86 11.70
C GLY B 189 -18.29 21.16 11.75
N LEU B 190 -19.14 21.38 10.75
CA LEU B 190 -19.97 22.56 10.72
C LEU B 190 -21.37 22.10 10.37
N GLY B 191 -22.34 22.45 11.21
CA GLY B 191 -23.71 22.07 10.93
C GLY B 191 -24.20 20.84 11.65
N ALA B 192 -25.40 20.40 11.28
CA ALA B 192 -26.03 19.25 11.88
C ALA B 192 -25.29 17.95 11.57
N THR B 193 -25.32 17.07 12.56
CA THR B 193 -24.71 15.77 12.46
C THR B 193 -25.87 14.79 12.60
N HIS B 194 -26.02 13.91 11.62
CA HIS B 194 -27.07 12.90 11.66
C HIS B 194 -26.42 11.60 11.25
N ALA B 195 -27.03 10.49 11.66
CA ALA B 195 -26.56 9.15 11.32
C ALA B 195 -25.10 8.88 11.63
N THR B 196 -24.55 9.49 12.67
CA THR B 196 -23.14 9.28 12.99
C THR B 196 -22.75 7.82 13.23
N MET B 197 -23.39 7.14 14.17
CA MET B 197 -23.03 5.74 14.42
C MET B 197 -23.35 4.83 13.25
N PHE B 198 -24.42 5.12 12.52
CA PHE B 198 -24.77 4.32 11.36
C PHE B 198 -23.61 4.40 10.37
N THR B 199 -23.06 5.60 10.22
CA THR B 199 -21.95 5.84 9.30
C THR B 199 -20.69 5.14 9.82
N VAL B 200 -20.43 5.27 11.11
CA VAL B 200 -19.28 4.62 11.72
C VAL B 200 -19.31 3.11 11.48
N HIS B 201 -20.45 2.50 11.70
CA HIS B 201 -20.57 1.07 11.51
C HIS B 201 -20.23 0.67 10.07
N LEU B 202 -20.77 1.40 9.10
CA LEU B 202 -20.52 1.09 7.68
C LEU B 202 -19.08 1.35 7.27
N ILE B 203 -18.49 2.45 7.75
CA ILE B 203 -17.10 2.78 7.46
C ILE B 203 -16.18 1.69 8.02
N SER B 204 -16.48 1.28 9.24
CA SER B 204 -15.70 0.25 9.91
C SER B 204 -15.70 -1.05 9.13
N ILE B 205 -16.88 -1.48 8.68
CA ILE B 205 -16.98 -2.70 7.89
C ILE B 205 -16.17 -2.56 6.59
N ALA B 206 -16.33 -1.43 5.91
CA ALA B 206 -15.64 -1.18 4.65
C ALA B 206 -14.13 -1.14 4.85
N LEU B 207 -13.70 -0.52 5.93
CA LEU B 207 -12.27 -0.40 6.23
C LEU B 207 -11.69 -1.78 6.52
N ARG B 208 -12.38 -2.55 7.35
CA ARG B 208 -11.95 -3.87 7.72
C ARG B 208 -11.75 -4.76 6.48
N GLU B 209 -12.72 -4.72 5.56
N GLU B 209 -12.71 -4.75 5.56
CA GLU B 209 -12.65 -5.52 4.33
CA GLU B 209 -12.60 -5.58 4.36
C GLU B 209 -11.54 -5.01 3.41
C GLU B 209 -11.52 -5.01 3.42
N TYR B 210 -11.36 -3.69 3.42
CA TYR B 210 -10.33 -3.06 2.59
C TYR B 210 -8.94 -3.56 2.97
N MET B 211 -8.68 -3.71 4.29
CA MET B 211 -7.39 -4.19 4.79
C MET B 211 -7.10 -5.61 4.31
N VAL B 212 -8.16 -6.40 4.13
CA VAL B 212 -8.02 -7.76 3.66
C VAL B 212 -7.91 -7.84 2.13
N ARG B 213 -8.87 -7.24 1.43
CA ARG B 213 -8.90 -7.26 -0.03
C ARG B 213 -7.76 -6.50 -0.71
N GLU B 214 -7.23 -5.49 -0.04
CA GLU B 214 -6.16 -4.68 -0.61
C GLU B 214 -4.94 -4.65 0.29
N ASN B 215 -4.62 -5.83 0.82
CA ASN B 215 -3.49 -6.02 1.72
C ASN B 215 -2.19 -5.45 1.16
N GLU B 216 -1.97 -5.59 -0.14
CA GLU B 216 -0.73 -5.07 -0.74
C GLU B 216 -0.54 -3.57 -0.60
N ARG B 217 -1.66 -2.85 -0.46
CA ARG B 217 -1.64 -1.41 -0.28
C ARG B 217 -1.40 -0.99 1.16
N ILE B 218 -1.60 -1.89 2.11
CA ILE B 218 -1.45 -1.50 3.51
C ILE B 218 -0.34 -2.11 4.34
N ARG B 219 0.26 -3.21 3.88
N ARG B 219 0.28 -3.17 3.82
CA ARG B 219 1.31 -3.85 4.67
CA ARG B 219 1.37 -3.84 4.51
C ARG B 219 2.66 -3.21 4.40
C ARG B 219 2.68 -3.09 4.35
N VAL B 220 3.27 -2.70 5.48
CA VAL B 220 4.55 -1.99 5.45
C VAL B 220 5.51 -2.59 6.48
N VAL B 230 1.34 -2.83 9.49
CA VAL B 230 0.31 -2.30 8.61
C VAL B 230 0.18 -0.78 8.76
N ARG B 231 -0.15 -0.10 7.66
CA ARG B 231 -0.29 1.35 7.70
C ARG B 231 -1.55 1.70 8.47
N CYS B 232 -1.56 2.88 9.06
CA CYS B 232 -2.73 3.31 9.81
C CYS B 232 -3.76 4.06 8.97
N ILE B 233 -4.99 3.56 8.99
CA ILE B 233 -6.11 4.21 8.30
C ILE B 233 -7.08 4.47 9.45
N GLY B 234 -7.47 5.72 9.62
CA GLY B 234 -8.32 6.03 10.74
C GLY B 234 -9.75 6.45 10.49
N ILE B 235 -10.43 6.65 11.61
CA ILE B 235 -11.81 7.07 11.62
C ILE B 235 -11.91 8.28 12.53
N LYS B 236 -12.49 9.35 12.03
CA LYS B 236 -12.72 10.54 12.82
C LYS B 236 -14.23 10.71 13.02
N ILE B 237 -14.63 10.69 14.28
CA ILE B 237 -16.02 10.84 14.60
C ILE B 237 -16.26 12.28 15.02
N GLU B 238 -17.19 12.92 14.32
N GLU B 238 -17.07 12.98 14.24
CA GLU B 238 -17.60 14.28 14.58
CA GLU B 238 -17.38 14.38 14.48
C GLU B 238 -18.82 14.26 15.46
C GLU B 238 -18.67 14.42 15.29
N VAL B 239 -18.74 14.99 16.58
N VAL B 239 -18.55 14.66 16.59
CA VAL B 239 -19.84 15.06 17.50
CA VAL B 239 -19.70 14.70 17.48
C VAL B 239 -20.46 16.46 17.35
C VAL B 239 -20.34 16.10 17.54
N GLY B 240 -21.77 16.48 17.17
N GLY B 240 -19.68 17.11 17.00
CA GLY B 240 -22.50 17.72 16.98
CA GLY B 240 -20.21 18.48 17.01
C GLY B 240 -22.67 18.64 18.17
C GLY B 240 -20.28 19.16 18.37
N ASP B 241 -21.63 19.41 18.47
N ASP B 241 -21.40 19.84 18.63
CA ASP B 241 -21.69 20.35 19.58
CA ASP B 241 -21.62 20.58 19.88
C ASP B 241 -22.58 19.73 20.65
C ASP B 241 -22.43 19.86 20.95
N VAL B 242 -22.12 18.60 21.20
CA VAL B 242 -22.84 17.85 22.23
C VAL B 242 -22.07 17.98 23.55
N HIS B 243 -22.52 17.28 24.58
CA HIS B 243 -21.84 17.34 25.86
C HIS B 243 -20.94 16.13 26.11
N MET B 244 -20.18 16.20 27.19
CA MET B 244 -19.24 15.15 27.54
C MET B 244 -19.82 13.75 27.68
N ALA B 245 -20.98 13.62 28.32
CA ALA B 245 -21.60 12.31 28.52
C ALA B 245 -21.83 11.57 27.20
N GLU B 246 -22.45 12.25 26.25
CA GLU B 246 -22.72 11.67 24.93
C GLU B 246 -21.40 11.36 24.20
N THR B 247 -20.42 12.25 24.35
CA THR B 247 -19.13 12.06 23.71
C THR B 247 -18.48 10.79 24.27
N ALA B 248 -18.56 10.59 25.59
CA ALA B 248 -18.00 9.39 26.20
C ALA B 248 -18.73 8.14 25.68
N ASP B 249 -20.03 8.24 25.45
CA ASP B 249 -20.76 7.09 24.95
C ASP B 249 -20.27 6.79 23.52
N PHE B 250 -20.01 7.83 22.72
CA PHE B 250 -19.48 7.59 21.37
C PHE B 250 -18.17 6.82 21.46
N LEU B 251 -17.33 7.19 22.40
CA LEU B 251 -16.06 6.51 22.61
C LEU B 251 -16.32 5.04 22.92
N MET B 252 -17.31 4.76 23.78
CA MET B 252 -17.66 3.36 24.10
C MET B 252 -18.15 2.63 22.86
N GLN B 253 -18.90 3.33 21.99
CA GLN B 253 -19.37 2.73 20.74
C GLN B 253 -18.20 2.32 19.85
N MET B 254 -17.20 3.18 19.72
N MET B 254 -17.20 3.18 19.74
CA MET B 254 -16.01 2.93 18.91
CA MET B 254 -16.04 2.90 18.92
C MET B 254 -15.26 1.71 19.43
C MET B 254 -15.29 1.68 19.44
N ILE B 255 -15.08 1.64 20.75
CA ILE B 255 -14.37 0.52 21.38
C ILE B 255 -15.13 -0.79 21.14
N PHE B 256 -16.45 -0.75 21.24
CA PHE B 256 -17.27 -1.94 21.02
C PHE B 256 -17.23 -2.38 19.56
N GLU B 257 -17.19 -1.41 18.65
CA GLU B 257 -17.17 -1.69 17.21
C GLU B 257 -15.82 -2.16 16.64
N ASN B 258 -14.76 -1.44 16.99
CA ASN B 258 -13.43 -1.71 16.45
C ASN B 258 -12.36 -2.21 17.42
N GLY B 259 -12.70 -2.33 18.70
CA GLY B 259 -11.74 -2.81 19.71
C GLY B 259 -10.88 -1.72 20.33
N PRO B 260 -10.31 -2.01 21.51
CA PRO B 260 -9.47 -1.00 22.15
C PRO B 260 -8.23 -0.62 21.34
N ARG B 261 -7.71 -1.54 20.53
CA ARG B 261 -6.51 -1.24 19.75
C ARG B 261 -6.75 -0.13 18.70
N SER B 262 -8.00 0.11 18.36
CA SER B 262 -8.32 1.16 17.39
C SER B 262 -8.27 2.55 18.00
N ILE B 263 -8.20 2.62 19.33
CA ILE B 263 -8.19 3.92 20.03
C ILE B 263 -6.78 4.42 20.25
N VAL B 264 -6.19 4.89 19.18
CA VAL B 264 -4.84 5.43 19.18
C VAL B 264 -4.92 6.62 18.25
N ARG B 265 -4.16 7.67 18.55
CA ARG B 265 -4.18 8.88 17.74
C ARG B 265 -4.00 8.70 16.25
N ASP B 266 -3.15 7.75 15.85
N ASP B 266 -3.14 7.75 15.85
CA ASP B 266 -2.89 7.48 14.45
CA ASP B 266 -2.91 7.53 14.44
C ASP B 266 -4.09 6.86 13.74
C ASP B 266 -4.08 6.85 13.73
N LYS B 267 -5.08 6.40 14.50
CA LYS B 267 -6.25 5.75 13.91
C LYS B 267 -7.58 6.28 14.36
N PHE B 268 -7.60 7.24 15.29
CA PHE B 268 -8.85 7.75 15.81
C PHE B 268 -8.77 9.18 16.29
N ARG B 269 -9.82 9.93 15.99
CA ARG B 269 -9.94 11.33 16.38
C ARG B 269 -11.39 11.60 16.71
N VAL B 270 -11.61 12.51 17.66
CA VAL B 270 -12.95 12.90 18.03
C VAL B 270 -13.01 14.38 17.68
N GLY B 271 -13.93 14.75 16.79
CA GLY B 271 -14.07 16.14 16.39
C GLY B 271 -15.24 16.77 17.13
N GLY B 272 -15.04 17.96 17.67
CA GLY B 272 -16.10 18.64 18.39
C GLY B 272 -15.91 20.14 18.45
N GLY B 273 -16.87 20.83 19.04
CA GLY B 273 -16.83 22.29 19.15
C GLY B 273 -16.03 22.85 20.30
N PHE B 274 -15.93 24.17 20.30
CA PHE B 274 -15.20 24.91 21.31
C PHE B 274 -15.82 24.78 22.71
N ASN B 275 -17.15 24.81 22.81
CA ASN B 275 -17.77 24.65 24.13
C ASN B 275 -17.47 23.29 24.72
N LEU B 276 -17.45 22.27 23.86
CA LEU B 276 -17.16 20.90 24.30
C LEU B 276 -15.70 20.84 24.77
N LEU B 277 -14.79 21.46 24.02
CA LEU B 277 -13.39 21.50 24.40
C LEU B 277 -13.28 22.14 25.79
N LYS B 278 -13.95 23.27 25.99
CA LYS B 278 -13.90 23.93 27.30
C LYS B 278 -14.49 23.04 28.42
N GLU B 279 -15.54 22.28 28.13
CA GLU B 279 -16.15 21.40 29.10
C GLU B 279 -15.12 20.32 29.53
N LEU B 280 -14.45 19.73 28.54
CA LEU B 280 -13.43 18.71 28.77
C LEU B 280 -12.29 19.31 29.61
N ARG B 281 -11.84 20.49 29.22
CA ARG B 281 -10.78 21.18 29.96
C ARG B 281 -11.17 21.43 31.41
N ASP B 282 -12.35 21.99 31.61
CA ASP B 282 -12.85 22.30 32.95
C ASP B 282 -12.86 21.06 33.82
N CYS B 283 -13.32 19.95 33.27
CA CYS B 283 -13.39 18.71 33.99
C CYS B 283 -12.00 18.21 34.38
N TYR B 284 -11.12 18.07 33.39
CA TYR B 284 -9.77 17.62 33.68
C TYR B 284 -9.05 18.50 34.68
N GLU B 285 -9.26 19.80 34.60
CA GLU B 285 -8.60 20.74 35.50
C GLU B 285 -9.04 20.59 36.96
N SER B 286 -10.15 19.88 37.22
CA SER B 286 -10.63 19.69 38.58
C SER B 286 -9.79 18.61 39.27
N TRP B 287 -9.10 17.80 38.46
CA TRP B 287 -8.25 16.74 39.00
C TRP B 287 -6.97 17.33 39.58
N ASP B 288 -6.58 16.87 40.76
CA ASP B 288 -5.38 17.35 41.41
C ASP B 288 -4.37 16.20 41.46
N SER B 289 -3.18 16.44 40.93
CA SER B 289 -2.14 15.43 40.92
C SER B 289 -1.42 15.43 42.28
N TYR C 14 -22.32 -2.36 -24.52
CA TYR C 14 -21.90 -3.10 -25.75
C TYR C 14 -20.49 -3.69 -25.61
N PHE C 15 -19.62 -2.99 -24.88
CA PHE C 15 -18.26 -3.46 -24.70
C PHE C 15 -18.02 -3.87 -23.25
N GLN C 16 -19.06 -4.42 -22.63
CA GLN C 16 -18.98 -4.87 -21.24
C GLN C 16 -17.79 -5.82 -21.03
N GLY C 17 -16.97 -5.49 -20.03
CA GLY C 17 -15.81 -6.30 -19.65
C GLY C 17 -14.51 -6.06 -20.40
N ILE C 18 -14.51 -5.14 -21.37
CA ILE C 18 -13.32 -4.89 -22.19
C ILE C 18 -12.07 -4.50 -21.41
N TYR C 19 -12.23 -3.72 -20.35
CA TYR C 19 -11.07 -3.29 -19.59
C TYR C 19 -10.38 -4.45 -18.85
N LYS C 20 -11.17 -5.33 -18.26
CA LYS C 20 -10.65 -6.47 -17.56
C LYS C 20 -10.05 -7.44 -18.56
N GLN C 21 -10.68 -7.58 -19.73
CA GLN C 21 -10.19 -8.48 -20.78
C GLN C 21 -8.81 -8.02 -21.29
N PHE C 22 -8.66 -6.73 -21.53
CA PHE C 22 -7.38 -6.20 -21.98
C PHE C 22 -6.34 -6.37 -20.90
N THR C 23 -6.72 -6.11 -19.65
CA THR C 23 -5.77 -6.27 -18.55
C THR C 23 -5.31 -7.74 -18.47
N SER C 24 -6.24 -8.68 -18.62
N SER C 24 -6.23 -8.69 -18.60
CA SER C 24 -5.92 -10.09 -18.57
CA SER C 24 -5.87 -10.11 -18.54
C SER C 24 -4.95 -10.49 -19.68
C SER C 24 -4.93 -10.49 -19.68
N ARG C 25 -5.19 -10.00 -20.88
CA ARG C 25 -4.32 -10.30 -22.02
C ARG C 25 -2.90 -9.82 -21.76
N THR C 26 -2.83 -8.63 -21.20
CA THR C 26 -1.57 -8.00 -20.85
C THR C 26 -0.83 -8.85 -19.82
N LEU C 27 -1.51 -9.20 -18.73
CA LEU C 27 -0.89 -10.01 -17.68
C LEU C 27 -0.45 -11.37 -18.20
N LEU C 28 -1.25 -11.99 -19.07
CA LEU C 28 -0.84 -13.28 -19.65
C LEU C 28 0.51 -13.17 -20.34
N ASN C 29 0.75 -12.04 -21.01
CA ASN C 29 1.99 -11.83 -21.74
C ASN C 29 3.25 -11.81 -20.87
N PHE C 30 3.09 -11.53 -19.58
CA PHE C 30 4.24 -11.48 -18.69
C PHE C 30 4.16 -12.49 -17.56
N PHE C 31 3.22 -13.42 -17.64
CA PHE C 31 3.01 -14.33 -16.54
C PHE C 31 3.91 -15.54 -16.49
N GLU C 32 4.27 -15.91 -15.27
CA GLU C 32 5.08 -17.09 -14.96
C GLU C 32 4.33 -17.81 -13.83
N VAL C 33 3.81 -18.99 -14.15
CA VAL C 33 3.03 -19.77 -13.18
C VAL C 33 3.92 -20.69 -12.34
N ALA C 34 3.63 -20.74 -11.06
CA ALA C 34 4.39 -21.55 -10.12
C ALA C 34 3.78 -22.92 -9.89
N ALA C 35 4.64 -23.94 -9.89
CA ALA C 35 4.24 -25.32 -9.61
C ALA C 35 5.43 -25.79 -8.80
N LEU C 36 5.58 -25.17 -7.63
CA LEU C 36 6.71 -25.38 -6.73
C LEU C 36 6.51 -26.08 -5.38
N THR C 37 5.30 -26.50 -5.06
CA THR C 37 5.08 -27.13 -3.76
C THR C 37 5.74 -28.50 -3.66
N ASP C 38 5.89 -29.00 -2.44
CA ASP C 38 6.50 -30.31 -2.25
C ASP C 38 5.56 -31.41 -2.74
N GLY C 39 4.26 -31.14 -2.73
CA GLY C 39 3.28 -32.13 -3.18
C GLY C 39 3.13 -32.30 -4.68
N GLU C 40 3.88 -31.53 -5.46
CA GLU C 40 3.79 -31.63 -6.92
C GLU C 40 4.08 -33.02 -7.43
N THR C 41 3.37 -33.39 -8.49
CA THR C 41 3.52 -34.68 -9.14
C THR C 41 3.52 -34.40 -10.63
N ASN C 42 3.93 -35.37 -11.43
CA ASN C 42 3.94 -35.19 -12.89
C ASN C 42 2.55 -34.79 -13.38
N GLU C 43 1.54 -35.35 -12.73
CA GLU C 43 0.15 -35.06 -13.08
C GLU C 43 -0.22 -33.59 -12.82
N SER C 44 0.08 -33.09 -11.63
CA SER C 44 -0.25 -31.70 -11.30
C SER C 44 0.55 -30.73 -12.18
N VAL C 45 1.83 -31.04 -12.38
CA VAL C 45 2.71 -30.21 -13.20
C VAL C 45 2.23 -30.18 -14.66
N ALA C 46 1.84 -31.34 -15.18
CA ALA C 46 1.36 -31.44 -16.55
C ALA C 46 0.11 -30.58 -16.73
N ALA C 47 -0.77 -30.58 -15.74
CA ALA C 47 -2.00 -29.79 -15.81
C ALA C 47 -1.70 -28.31 -15.91
N VAL C 48 -0.72 -27.86 -15.11
CA VAL C 48 -0.32 -26.45 -15.12
C VAL C 48 0.32 -26.06 -16.45
N CYS C 49 1.24 -26.88 -16.93
CA CYS C 49 1.93 -26.60 -18.20
C CYS C 49 1.00 -26.52 -19.42
N LYS C 50 -0.05 -27.32 -19.44
CA LYS C 50 -0.96 -27.29 -20.57
C LYS C 50 -1.71 -25.96 -20.62
N ILE C 51 -2.15 -25.46 -19.46
CA ILE C 51 -2.86 -24.20 -19.42
C ILE C 51 -1.89 -23.04 -19.69
N ALA C 52 -0.65 -23.19 -19.23
CA ALA C 52 0.33 -22.16 -19.46
C ALA C 52 0.66 -22.04 -20.94
N ALA C 53 0.76 -23.18 -21.61
CA ALA C 53 1.12 -23.24 -23.03
C ALA C 53 -0.02 -23.01 -24.03
N LYS C 54 -1.25 -22.95 -23.54
CA LYS C 54 -2.40 -22.73 -24.41
C LYS C 54 -2.20 -21.38 -25.12
N ASP C 55 -2.52 -21.35 -26.41
CA ASP C 55 -2.35 -20.12 -27.19
C ASP C 55 -3.34 -19.06 -26.70
N PRO C 56 -2.84 -17.86 -26.35
CA PRO C 56 -1.48 -17.35 -26.35
C PRO C 56 -0.75 -17.80 -25.09
N ALA C 57 0.40 -18.42 -25.29
CA ALA C 57 1.19 -18.94 -24.18
C ALA C 57 1.75 -17.86 -23.29
N ILE C 58 1.86 -18.15 -21.99
CA ILE C 58 2.41 -17.22 -21.05
C ILE C 58 3.93 -17.32 -21.17
N VAL C 59 4.67 -16.63 -20.33
CA VAL C 59 6.13 -16.65 -20.43
C VAL C 59 6.72 -18.00 -20.08
N GLY C 60 6.31 -18.54 -18.94
CA GLY C 60 6.84 -19.83 -18.52
C GLY C 60 6.26 -20.39 -17.24
N VAL C 61 6.92 -21.44 -16.77
CA VAL C 61 6.50 -22.14 -15.57
C VAL C 61 7.71 -22.27 -14.67
N SER C 62 7.50 -22.17 -13.36
CA SER C 62 8.57 -22.31 -12.38
C SER C 62 8.38 -23.65 -11.66
N VAL C 63 9.42 -24.47 -11.66
CA VAL C 63 9.37 -25.77 -11.00
C VAL C 63 10.69 -26.04 -10.30
N ARG C 64 10.66 -26.98 -9.35
CA ARG C 64 11.84 -27.40 -8.62
C ARG C 64 12.56 -28.28 -9.66
N PRO C 65 13.89 -28.42 -9.55
CA PRO C 65 14.67 -29.21 -10.50
C PRO C 65 14.11 -30.60 -10.84
N ALA C 66 13.46 -31.23 -9.89
CA ALA C 66 12.89 -32.56 -10.08
C ALA C 66 11.91 -32.70 -11.26
N PHE C 67 11.30 -31.59 -11.70
CA PHE C 67 10.34 -31.67 -12.81
C PHE C 67 10.80 -31.10 -14.15
N VAL C 68 12.05 -30.68 -14.22
CA VAL C 68 12.57 -30.11 -15.47
C VAL C 68 12.61 -31.11 -16.62
N ARG C 69 13.19 -32.29 -16.41
CA ARG C 69 13.26 -33.24 -17.55
C ARG C 69 11.86 -33.74 -17.92
N PHE C 70 10.99 -33.91 -16.94
CA PHE C 70 9.63 -34.35 -17.23
C PHE C 70 8.98 -33.44 -18.25
N ILE C 71 9.03 -32.13 -18.00
CA ILE C 71 8.44 -31.16 -18.91
C ILE C 71 9.12 -31.14 -20.28
N ARG C 72 10.45 -31.02 -20.25
CA ARG C 72 11.25 -30.94 -21.48
C ARG C 72 11.42 -32.20 -22.31
N GLN C 73 11.36 -33.37 -21.69
CA GLN C 73 11.54 -34.59 -22.48
C GLN C 73 10.34 -35.51 -22.58
N GLU C 74 9.57 -35.67 -21.50
N GLU C 74 9.59 -35.66 -21.49
CA GLU C 74 8.42 -36.57 -21.55
CA GLU C 74 8.44 -36.56 -21.47
C GLU C 74 7.09 -35.88 -21.87
C GLU C 74 7.09 -35.92 -21.81
N LEU C 75 6.75 -34.84 -21.11
CA LEU C 75 5.48 -34.14 -21.35
C LEU C 75 5.28 -33.65 -22.78
N VAL C 76 6.35 -33.16 -23.39
CA VAL C 76 6.30 -32.63 -24.74
C VAL C 76 5.86 -33.65 -25.81
N LYS C 77 5.92 -34.94 -25.49
CA LYS C 77 5.51 -35.97 -26.44
C LYS C 77 3.99 -35.93 -26.62
N SER C 78 3.27 -35.80 -25.51
CA SER C 78 1.81 -35.76 -25.54
C SER C 78 1.25 -34.34 -25.61
N ALA C 79 2.07 -33.36 -25.23
CA ALA C 79 1.66 -31.96 -25.25
C ALA C 79 2.76 -31.12 -25.90
N PRO C 80 2.89 -31.20 -27.24
CA PRO C 80 3.92 -30.46 -27.97
C PRO C 80 4.00 -28.96 -27.70
N GLU C 81 2.88 -28.33 -27.36
CA GLU C 81 2.90 -26.89 -27.11
C GLU C 81 3.75 -26.44 -25.91
N VAL C 82 4.06 -27.37 -25.01
N VAL C 82 4.07 -27.37 -25.01
CA VAL C 82 4.87 -27.02 -23.83
CA VAL C 82 4.88 -27.03 -23.84
C VAL C 82 6.30 -26.62 -24.21
C VAL C 82 6.30 -26.60 -24.21
N ALA C 83 6.69 -26.83 -25.46
CA ALA C 83 8.02 -26.44 -25.91
C ALA C 83 8.04 -24.92 -26.07
N GLY C 84 6.85 -24.34 -26.21
CA GLY C 84 6.68 -22.89 -26.40
C GLY C 84 6.72 -22.02 -25.14
N ILE C 85 6.88 -22.64 -23.97
CA ILE C 85 6.96 -21.87 -22.74
C ILE C 85 8.31 -22.15 -22.10
N LYS C 86 8.84 -21.15 -21.39
CA LYS C 86 10.12 -21.31 -20.72
C LYS C 86 9.95 -22.11 -19.44
N VAL C 87 10.98 -22.87 -19.10
CA VAL C 87 10.97 -23.64 -17.87
C VAL C 87 12.01 -22.99 -16.97
N CYS C 88 11.57 -22.50 -15.83
N CYS C 88 11.55 -22.52 -15.82
CA CYS C 88 12.46 -21.86 -14.88
CA CYS C 88 12.40 -21.86 -14.85
C CYS C 88 12.65 -22.79 -13.69
C CYS C 88 12.63 -22.81 -13.68
N ALA C 89 13.88 -23.15 -13.41
CA ALA C 89 14.19 -24.06 -12.30
C ALA C 89 14.50 -23.28 -11.04
N ALA C 90 13.85 -23.66 -9.94
CA ALA C 90 14.04 -23.00 -8.66
C ALA C 90 15.14 -23.68 -7.85
N VAL C 91 16.26 -22.96 -7.67
CA VAL C 91 17.40 -23.47 -6.93
C VAL C 91 17.55 -22.77 -5.57
N ASN C 92 18.12 -23.51 -4.62
CA ASN C 92 18.35 -23.07 -3.24
C ASN C 92 17.00 -22.98 -2.50
N PHE C 93 15.99 -23.67 -3.02
CA PHE C 93 14.65 -23.75 -2.43
C PHE C 93 14.57 -24.95 -1.49
N PRO C 94 13.73 -24.88 -0.46
CA PRO C 94 12.87 -23.75 -0.15
C PRO C 94 13.34 -22.84 1.00
N GLU C 95 14.52 -23.10 1.56
CA GLU C 95 15.01 -22.31 2.71
C GLU C 95 16.18 -21.35 2.45
N GLY C 96 16.83 -21.47 1.30
CA GLY C 96 17.97 -20.62 0.97
C GLY C 96 19.20 -20.90 1.82
N THR C 97 19.32 -22.16 2.26
CA THR C 97 20.43 -22.57 3.13
C THR C 97 21.57 -23.32 2.44
N GLY C 98 21.61 -23.27 1.11
CA GLY C 98 22.66 -23.96 0.37
C GLY C 98 23.93 -23.12 0.38
N THR C 99 25.01 -23.67 -0.17
CA THR C 99 26.27 -22.93 -0.25
C THR C 99 26.40 -22.54 -1.72
N PRO C 100 27.28 -21.59 -2.04
CA PRO C 100 27.40 -21.26 -3.45
C PRO C 100 27.69 -22.48 -4.34
N ASP C 101 28.52 -23.41 -3.86
N ASP C 101 28.54 -23.40 -3.88
CA ASP C 101 28.86 -24.59 -4.65
CA ASP C 101 28.86 -24.59 -4.67
C ASP C 101 27.69 -25.55 -4.83
C ASP C 101 27.69 -25.56 -4.84
N THR C 102 26.93 -25.79 -3.77
CA THR C 102 25.80 -26.72 -3.85
C THR C 102 24.71 -26.13 -4.75
N VAL C 103 24.46 -24.83 -4.62
CA VAL C 103 23.43 -24.20 -5.45
C VAL C 103 23.87 -24.17 -6.91
N SER C 104 25.14 -23.91 -7.15
CA SER C 104 25.63 -23.91 -8.53
C SER C 104 25.42 -25.28 -9.15
N LEU C 105 25.65 -26.34 -8.37
CA LEU C 105 25.46 -27.69 -8.89
C LEU C 105 23.98 -28.02 -9.15
N GLU C 106 23.06 -27.48 -8.37
CA GLU C 106 21.65 -27.72 -8.63
C GLU C 106 21.34 -27.10 -9.99
N ALA C 107 21.89 -25.90 -10.21
CA ALA C 107 21.70 -25.17 -11.46
C ALA C 107 22.25 -25.96 -12.65
N VAL C 108 23.44 -26.53 -12.49
CA VAL C 108 24.05 -27.31 -13.56
C VAL C 108 23.12 -28.46 -13.97
N GLY C 109 22.58 -29.17 -12.99
CA GLY C 109 21.68 -30.28 -13.27
C GLY C 109 20.40 -29.83 -13.95
N ALA C 110 19.86 -28.70 -13.49
CA ALA C 110 18.63 -28.16 -14.06
C ALA C 110 18.84 -27.73 -15.51
N LEU C 111 19.94 -27.05 -15.79
CA LEU C 111 20.23 -26.61 -17.15
C LEU C 111 20.44 -27.83 -18.06
N LYS C 112 21.12 -28.85 -17.56
CA LYS C 112 21.36 -30.06 -18.33
C LYS C 112 20.03 -30.71 -18.68
N ASP C 113 19.07 -30.65 -17.76
CA ASP C 113 17.74 -31.23 -17.99
C ASP C 113 16.88 -30.38 -18.92
N GLY C 114 17.34 -29.19 -19.27
CA GLY C 114 16.60 -28.32 -20.20
C GLY C 114 16.00 -27.02 -19.68
N ALA C 115 16.35 -26.61 -18.46
CA ALA C 115 15.81 -25.37 -17.89
C ALA C 115 16.27 -24.18 -18.75
N ASP C 116 15.40 -23.21 -18.94
CA ASP C 116 15.71 -22.02 -19.73
C ASP C 116 16.19 -20.87 -18.86
N GLU C 117 15.76 -20.89 -17.60
CA GLU C 117 16.11 -19.87 -16.62
C GLU C 117 16.27 -20.50 -15.24
N ILE C 118 16.89 -19.75 -14.35
CA ILE C 118 17.11 -20.20 -12.99
C ILE C 118 16.62 -19.11 -12.04
N GLU C 119 15.90 -19.51 -10.99
CA GLU C 119 15.44 -18.57 -9.96
C GLU C 119 16.12 -19.11 -8.70
N CYS C 120 16.88 -18.24 -8.05
CA CYS C 120 17.66 -18.60 -6.88
C CYS C 120 17.31 -17.81 -5.63
N LEU C 121 17.00 -18.52 -4.54
N LEU C 121 16.99 -18.50 -4.54
CA LEU C 121 16.65 -17.88 -3.29
CA LEU C 121 16.68 -17.83 -3.30
C LEU C 121 17.93 -17.49 -2.54
C LEU C 121 17.96 -17.42 -2.62
N ILE C 122 17.89 -16.36 -1.84
CA ILE C 122 19.05 -15.91 -1.09
C ILE C 122 18.91 -16.45 0.33
N ASP C 123 20.00 -16.39 1.09
CA ASP C 123 19.99 -16.85 2.46
C ASP C 123 19.49 -15.65 3.25
N TRP C 124 18.18 -15.49 3.25
CA TRP C 124 17.53 -14.39 3.93
C TRP C 124 17.76 -14.41 5.45
N ARG C 125 18.00 -15.59 6.02
CA ARG C 125 18.27 -15.70 7.46
C ARG C 125 19.60 -15.01 7.79
N ARG C 126 20.63 -15.24 6.98
CA ARG C 126 21.93 -14.60 7.19
C ARG C 126 21.80 -13.07 7.05
N MET C 127 20.93 -12.59 6.16
CA MET C 127 20.72 -11.14 6.01
C MET C 127 20.16 -10.51 7.28
N ASN C 128 19.20 -11.18 7.89
CA ASN C 128 18.59 -10.69 9.13
C ASN C 128 19.49 -10.71 10.36
N GLU C 129 20.43 -11.65 10.44
N GLU C 129 20.40 -11.68 10.39
CA GLU C 129 21.30 -11.69 11.62
CA GLU C 129 21.34 -11.85 11.49
C GLU C 129 22.45 -10.71 11.49
C GLU C 129 22.49 -10.84 11.47
N ASN C 130 22.98 -10.53 10.28
CA ASN C 130 24.10 -9.61 10.09
C ASN C 130 24.10 -9.12 8.65
N VAL C 131 23.63 -7.90 8.46
CA VAL C 131 23.53 -7.30 7.12
C VAL C 131 24.81 -7.34 6.28
N ALA C 132 25.95 -6.91 6.85
CA ALA C 132 27.19 -6.92 6.08
C ALA C 132 27.56 -8.32 5.59
N ASP C 133 27.48 -9.29 6.48
CA ASP C 133 27.78 -10.68 6.15
C ASP C 133 26.75 -11.22 5.15
N GLY C 134 25.49 -10.85 5.35
CA GLY C 134 24.41 -11.28 4.47
C GLY C 134 24.64 -10.82 3.03
N GLU C 135 25.04 -9.56 2.87
CA GLU C 135 25.32 -9.00 1.56
C GLU C 135 26.47 -9.76 0.91
N SER C 136 27.50 -10.04 1.69
N SER C 136 27.50 -10.04 1.69
CA SER C 136 28.66 -10.75 1.18
CA SER C 136 28.67 -10.76 1.19
C SER C 136 28.24 -12.12 0.65
C SER C 136 28.26 -12.13 0.66
N ARG C 137 27.40 -12.82 1.41
CA ARG C 137 26.93 -14.15 1.02
C ARG C 137 26.11 -14.09 -0.28
N ILE C 138 25.28 -13.07 -0.42
CA ILE C 138 24.48 -12.90 -1.64
C ILE C 138 25.40 -12.69 -2.83
N ARG C 139 26.35 -11.76 -2.71
CA ARG C 139 27.24 -11.52 -3.84
C ARG C 139 27.96 -12.79 -4.27
N LEU C 140 28.42 -13.58 -3.31
CA LEU C 140 29.12 -14.83 -3.61
C LEU C 140 28.19 -15.86 -4.25
N LEU C 141 27.03 -16.03 -3.66
CA LEU C 141 26.07 -16.99 -4.17
C LEU C 141 25.67 -16.66 -5.60
N VAL C 142 25.21 -15.42 -5.80
CA VAL C 142 24.73 -15.00 -7.12
C VAL C 142 25.85 -15.04 -8.18
N SER C 143 27.05 -14.59 -7.82
CA SER C 143 28.13 -14.62 -8.80
C SER C 143 28.50 -16.03 -9.24
N GLU C 144 28.55 -16.98 -8.30
N GLU C 144 28.57 -16.98 -8.31
CA GLU C 144 28.90 -18.35 -8.65
CA GLU C 144 28.92 -18.36 -8.68
C GLU C 144 27.80 -19.03 -9.45
C GLU C 144 27.79 -19.04 -9.45
N VAL C 145 26.54 -18.73 -9.14
CA VAL C 145 25.43 -19.32 -9.88
C VAL C 145 25.40 -18.70 -11.28
N LYS C 146 25.63 -17.39 -11.36
CA LYS C 146 25.62 -16.72 -12.67
C LYS C 146 26.71 -17.28 -13.58
N LYS C 147 27.83 -17.66 -12.99
CA LYS C 147 28.93 -18.22 -13.76
C LYS C 147 28.48 -19.50 -14.48
N VAL C 148 27.66 -20.33 -13.82
CA VAL C 148 27.19 -21.57 -14.44
C VAL C 148 26.00 -21.33 -15.37
N VAL C 149 25.18 -20.32 -15.09
CA VAL C 149 24.00 -20.02 -15.92
C VAL C 149 24.40 -19.42 -17.25
N GLY C 150 25.54 -18.74 -17.29
CA GLY C 150 26.03 -18.14 -18.51
C GLY C 150 25.13 -17.03 -19.00
N PRO C 151 24.81 -17.03 -20.30
CA PRO C 151 23.96 -16.00 -20.88
C PRO C 151 22.48 -16.17 -20.56
N LYS C 152 22.10 -17.28 -19.91
CA LYS C 152 20.69 -17.47 -19.58
C LYS C 152 20.29 -16.55 -18.43
N THR C 153 18.99 -16.39 -18.23
CA THR C 153 18.50 -15.49 -17.18
C THR C 153 18.52 -16.08 -15.77
N LEU C 154 19.13 -15.32 -14.86
CA LEU C 154 19.21 -15.68 -13.46
C LEU C 154 18.36 -14.67 -12.67
N LYS C 155 17.27 -15.15 -12.09
CA LYS C 155 16.40 -14.32 -11.26
C LYS C 155 16.80 -14.59 -9.82
N VAL C 156 16.97 -13.54 -9.04
CA VAL C 156 17.35 -13.71 -7.64
C VAL C 156 16.13 -13.31 -6.80
N VAL C 157 15.68 -14.26 -5.98
CA VAL C 157 14.52 -14.09 -5.12
C VAL C 157 14.98 -13.52 -3.79
N LEU C 158 14.50 -12.32 -3.48
CA LEU C 158 14.91 -11.62 -2.27
C LEU C 158 14.13 -11.98 -1.01
N SER C 159 13.00 -12.65 -1.18
N SER C 159 13.00 -12.65 -1.18
CA SER C 159 12.13 -13.03 -0.07
CA SER C 159 12.15 -13.04 -0.07
C SER C 159 11.85 -11.83 0.82
C SER C 159 11.85 -11.83 0.82
N GLY C 160 11.35 -10.78 0.19
CA GLY C 160 11.04 -9.53 0.89
C GLY C 160 10.25 -9.64 2.18
N GLY C 161 9.28 -10.54 2.21
CA GLY C 161 8.46 -10.73 3.41
C GLY C 161 9.19 -11.36 4.59
N GLU C 162 10.30 -12.02 4.32
CA GLU C 162 11.10 -12.65 5.36
C GLU C 162 12.18 -11.70 5.87
N LEU C 163 12.51 -10.68 5.09
CA LEU C 163 13.53 -9.71 5.48
C LEU C 163 12.95 -8.74 6.51
N GLN C 164 13.74 -8.45 7.54
CA GLN C 164 13.29 -7.58 8.62
C GLN C 164 13.65 -6.10 8.45
N GLY C 165 12.85 -5.36 7.69
CA GLY C 165 13.09 -3.93 7.49
C GLY C 165 13.38 -3.54 6.05
N GLY C 166 13.00 -2.31 5.71
CA GLY C 166 13.21 -1.78 4.35
C GLY C 166 14.68 -1.63 3.98
N ASP C 167 15.51 -1.29 4.96
CA ASP C 167 16.93 -1.13 4.70
C ASP C 167 17.54 -2.46 4.28
N ILE C 168 17.08 -3.55 4.92
CA ILE C 168 17.58 -4.88 4.61
C ILE C 168 17.16 -5.31 3.21
N ILE C 169 15.92 -5.04 2.84
CA ILE C 169 15.44 -5.37 1.50
C ILE C 169 16.26 -4.62 0.44
N SER C 170 16.48 -3.33 0.68
CA SER C 170 17.24 -2.52 -0.24
C SER C 170 18.66 -3.05 -0.39
N ARG C 171 19.29 -3.39 0.73
CA ARG C 171 20.66 -3.92 0.73
C ARG C 171 20.76 -5.27 0.02
N ALA C 172 19.76 -6.12 0.21
CA ALA C 172 19.73 -7.43 -0.44
C ALA C 172 19.63 -7.23 -1.95
N ALA C 173 18.79 -6.29 -2.37
CA ALA C 173 18.60 -5.98 -3.78
C ALA C 173 19.92 -5.54 -4.42
N VAL C 174 20.59 -4.60 -3.77
CA VAL C 174 21.86 -4.12 -4.27
C VAL C 174 22.92 -5.21 -4.35
N ALA C 175 23.00 -6.06 -3.32
CA ALA C 175 23.97 -7.14 -3.30
C ALA C 175 23.70 -8.11 -4.44
N ALA C 176 22.43 -8.38 -4.72
CA ALA C 176 22.08 -9.28 -5.79
C ALA C 176 22.49 -8.70 -7.13
N LEU C 177 22.26 -7.41 -7.30
CA LEU C 177 22.63 -6.73 -8.55
C LEU C 177 24.15 -6.80 -8.74
N GLU C 178 24.90 -6.53 -7.67
CA GLU C 178 26.36 -6.56 -7.71
C GLU C 178 26.88 -7.96 -8.04
N GLY C 179 26.15 -8.98 -7.59
CA GLY C 179 26.52 -10.37 -7.85
C GLY C 179 26.25 -10.78 -9.29
N GLY C 180 25.43 -10.01 -10.00
CA GLY C 180 25.11 -10.32 -11.39
C GLY C 180 23.69 -10.76 -11.71
N ALA C 181 22.74 -10.47 -10.84
CA ALA C 181 21.36 -10.86 -11.11
C ALA C 181 20.83 -10.18 -12.38
N ASP C 182 20.07 -10.94 -13.16
CA ASP C 182 19.43 -10.47 -14.39
C ASP C 182 18.03 -9.94 -14.06
N PHE C 183 17.47 -10.48 -12.98
CA PHE C 183 16.16 -10.10 -12.46
C PHE C 183 16.14 -10.11 -10.95
N LEU C 184 15.39 -9.18 -10.37
CA LEU C 184 15.19 -9.13 -8.94
C LEU C 184 13.74 -9.60 -8.79
N GLN C 185 13.53 -10.67 -8.02
CA GLN C 185 12.20 -11.24 -7.79
C GLN C 185 11.82 -10.97 -6.35
N THR C 186 10.61 -10.45 -6.16
CA THR C 186 10.15 -10.08 -4.82
C THR C 186 10.01 -11.17 -3.76
N SER C 187 9.49 -12.32 -4.17
N SER C 187 9.47 -12.32 -4.16
CA SER C 187 9.25 -13.42 -3.25
CA SER C 187 9.21 -13.42 -3.25
C SER C 187 9.30 -14.74 -3.99
C SER C 187 9.32 -14.74 -4.00
N SER C 188 9.43 -15.83 -3.24
CA SER C 188 9.57 -17.15 -3.84
C SER C 188 8.36 -17.80 -4.49
N GLY C 189 7.17 -17.57 -3.95
CA GLY C 189 5.96 -18.19 -4.47
C GLY C 189 5.51 -19.30 -3.53
N LEU C 190 6.40 -19.68 -2.60
N LEU C 190 6.40 -19.69 -2.61
CA LEU C 190 6.09 -20.73 -1.63
CA LEU C 190 6.09 -20.73 -1.63
C LEU C 190 5.80 -20.11 -0.26
C LEU C 190 5.78 -20.10 -0.26
N GLY C 191 6.52 -19.05 0.07
CA GLY C 191 6.37 -18.35 1.36
C GLY C 191 5.00 -17.86 1.80
N ALA C 192 4.94 -17.37 3.04
CA ALA C 192 3.70 -16.85 3.62
C ALA C 192 3.41 -15.44 3.14
N THR C 193 4.45 -14.68 2.82
CA THR C 193 4.31 -13.30 2.34
C THR C 193 4.77 -13.19 0.89
N HIS C 194 4.17 -12.25 0.17
CA HIS C 194 4.50 -12.04 -1.23
C HIS C 194 4.71 -10.54 -1.47
N ALA C 195 4.60 -10.09 -2.70
CA ALA C 195 4.81 -8.66 -2.97
C ALA C 195 3.79 -7.76 -2.24
N THR C 196 4.26 -6.58 -1.87
CA THR C 196 3.45 -5.54 -1.24
C THR C 196 3.91 -4.32 -2.01
N MET C 197 3.09 -3.28 -2.06
CA MET C 197 3.45 -2.05 -2.76
C MET C 197 4.75 -1.53 -2.16
N PHE C 198 4.87 -1.65 -0.84
CA PHE C 198 6.06 -1.20 -0.12
C PHE C 198 7.35 -1.88 -0.61
N THR C 199 7.33 -3.21 -0.71
N THR C 199 7.34 -3.21 -0.71
CA THR C 199 8.50 -3.96 -1.16
CA THR C 199 8.54 -3.93 -1.16
C THR C 199 8.83 -3.70 -2.63
C THR C 199 8.84 -3.68 -2.64
N VAL C 200 7.82 -3.63 -3.48
CA VAL C 200 8.03 -3.35 -4.92
C VAL C 200 8.66 -1.96 -5.07
N HIS C 201 8.21 -1.03 -4.24
CA HIS C 201 8.72 0.33 -4.27
C HIS C 201 10.19 0.35 -3.90
N LEU C 202 10.57 -0.34 -2.83
CA LEU C 202 11.97 -0.40 -2.40
C LEU C 202 12.87 -1.05 -3.45
N ILE C 203 12.39 -2.14 -4.05
CA ILE C 203 13.14 -2.83 -5.09
C ILE C 203 13.32 -1.95 -6.32
N SER C 204 12.26 -1.24 -6.71
CA SER C 204 12.33 -0.34 -7.86
C SER C 204 13.34 0.79 -7.63
N ILE C 205 13.31 1.40 -6.45
CA ILE C 205 14.25 2.45 -6.13
C ILE C 205 15.68 1.94 -6.14
N ALA C 206 15.92 0.78 -5.53
CA ALA C 206 17.28 0.21 -5.50
C ALA C 206 17.82 -0.03 -6.91
N LEU C 207 16.98 -0.61 -7.76
CA LEU C 207 17.34 -0.89 -9.14
C LEU C 207 17.58 0.40 -9.91
N ARG C 208 16.66 1.35 -9.75
CA ARG C 208 16.77 2.63 -10.45
C ARG C 208 18.07 3.35 -10.10
N GLU C 209 18.40 3.41 -8.82
N GLU C 209 18.41 3.43 -8.83
CA GLU C 209 19.62 4.08 -8.37
CA GLU C 209 19.64 4.11 -8.42
C GLU C 209 20.87 3.35 -8.87
C GLU C 209 20.87 3.36 -8.91
N TYR C 210 20.80 2.03 -8.91
CA TYR C 210 21.92 1.23 -9.38
C TYR C 210 22.14 1.48 -10.87
N MET C 211 21.05 1.51 -11.65
N MET C 211 21.04 1.51 -11.64
CA MET C 211 21.14 1.75 -13.08
CA MET C 211 21.11 1.74 -13.08
C MET C 211 21.63 3.15 -13.41
C MET C 211 21.63 3.15 -13.41
N VAL C 212 21.29 4.12 -12.56
CA VAL C 212 21.74 5.49 -12.77
C VAL C 212 23.25 5.50 -12.68
N ARG C 213 23.78 4.84 -11.66
CA ARG C 213 25.24 4.77 -11.46
C ARG C 213 25.91 3.99 -12.60
N GLU C 214 25.29 2.87 -12.97
N GLU C 214 25.31 2.85 -12.98
CA GLU C 214 25.79 2.02 -14.04
CA GLU C 214 25.87 2.03 -14.05
C GLU C 214 25.85 2.75 -15.38
C GLU C 214 25.87 2.78 -15.39
N ASN C 215 24.74 3.39 -15.73
CA ASN C 215 24.64 4.13 -16.98
C ASN C 215 25.55 5.35 -17.03
N GLU C 216 25.77 6.00 -15.89
CA GLU C 216 26.63 7.18 -15.84
C GLU C 216 28.06 6.76 -16.15
N ARG C 217 28.45 5.63 -15.61
CA ARG C 217 29.81 5.12 -15.87
C ARG C 217 29.96 4.77 -17.35
N ILE C 218 28.99 4.04 -17.89
CA ILE C 218 29.03 3.64 -19.29
C ILE C 218 29.08 4.84 -20.22
N ARG C 219 28.32 5.87 -19.86
CA ARG C 219 28.26 7.08 -20.65
C ARG C 219 29.55 7.88 -20.59
N VAL C 220 30.03 8.18 -19.38
CA VAL C 220 31.24 9.00 -19.24
C VAL C 220 32.50 8.30 -19.74
N GLU C 221 32.59 6.99 -19.56
CA GLU C 221 33.77 6.25 -20.03
C GLU C 221 33.64 5.79 -21.48
N GLY C 222 32.45 5.91 -22.02
CA GLY C 222 32.19 5.53 -23.40
C GLY C 222 32.42 4.06 -23.64
N ILE C 223 31.98 3.24 -22.69
CA ILE C 223 32.14 1.79 -22.76
C ILE C 223 31.46 1.21 -24.01
N ASN C 224 30.34 1.81 -24.40
CA ASN C 224 29.61 1.40 -25.59
C ASN C 224 29.62 2.55 -26.59
N ARG C 231 23.86 -4.77 -19.58
CA ARG C 231 22.83 -5.77 -19.31
C ARG C 231 21.47 -5.16 -19.02
N CYS C 232 20.42 -5.91 -19.35
CA CYS C 232 19.06 -5.48 -19.12
C CYS C 232 18.61 -6.12 -17.81
N ILE C 233 18.18 -5.32 -16.82
CA ILE C 233 17.77 -5.89 -15.52
C ILE C 233 16.28 -5.74 -15.23
N GLY C 234 15.62 -6.86 -15.00
CA GLY C 234 14.19 -6.86 -14.73
C GLY C 234 13.74 -6.99 -13.28
N ILE C 235 12.43 -6.82 -13.11
CA ILE C 235 11.79 -6.96 -11.83
C ILE C 235 10.69 -7.96 -12.04
N LYS C 236 10.64 -8.98 -11.19
CA LYS C 236 9.59 -9.98 -11.23
C LYS C 236 8.78 -9.79 -9.98
N ILE C 237 7.52 -9.45 -10.17
CA ILE C 237 6.61 -9.24 -9.04
C ILE C 237 5.88 -10.57 -8.82
N GLU C 238 6.18 -11.20 -7.70
N GLU C 238 6.17 -11.23 -7.70
CA GLU C 238 5.55 -12.47 -7.34
CA GLU C 238 5.54 -12.50 -7.41
C GLU C 238 4.36 -12.11 -6.48
C GLU C 238 4.37 -12.18 -6.47
N VAL C 239 3.17 -12.41 -6.96
CA VAL C 239 1.97 -12.09 -6.20
C VAL C 239 1.33 -13.22 -5.43
N GLY C 240 1.79 -14.44 -5.66
CA GLY C 240 1.24 -15.59 -4.95
C GLY C 240 -0.13 -15.97 -5.46
N ASP C 241 -1.05 -16.21 -4.53
CA ASP C 241 -2.42 -16.60 -4.88
C ASP C 241 -3.46 -15.48 -4.77
N VAL C 242 -3.07 -14.24 -5.07
CA VAL C 242 -4.02 -13.14 -5.02
C VAL C 242 -4.85 -13.21 -6.30
N HIS C 243 -5.86 -12.36 -6.40
CA HIS C 243 -6.69 -12.33 -7.58
C HIS C 243 -6.18 -11.33 -8.61
N MET C 244 -6.83 -11.26 -9.76
N MET C 244 -6.86 -11.28 -9.74
CA MET C 244 -6.38 -10.36 -10.82
CA MET C 244 -6.50 -10.41 -10.84
C MET C 244 -6.41 -8.87 -10.42
C MET C 244 -6.49 -8.91 -10.50
N ALA C 245 -7.43 -8.46 -9.68
CA ALA C 245 -7.51 -7.02 -9.30
C ALA C 245 -6.22 -6.50 -8.66
N GLU C 246 -5.78 -7.22 -7.63
CA GLU C 246 -4.57 -6.84 -6.94
C GLU C 246 -3.35 -6.89 -7.87
N THR C 247 -3.34 -7.88 -8.77
CA THR C 247 -2.25 -8.03 -9.72
C THR C 247 -2.19 -6.80 -10.64
N ALA C 248 -3.37 -6.34 -11.08
CA ALA C 248 -3.45 -5.16 -11.94
C ALA C 248 -2.93 -3.90 -11.21
N ASP C 249 -3.17 -3.84 -9.90
CA ASP C 249 -2.70 -2.71 -9.13
C ASP C 249 -1.15 -2.72 -9.16
N PHE C 250 -0.53 -3.89 -9.06
CA PHE C 250 0.95 -3.97 -9.14
C PHE C 250 1.41 -3.58 -10.53
N LEU C 251 0.67 -3.98 -11.54
CA LEU C 251 1.01 -3.61 -12.90
C LEU C 251 1.05 -2.07 -12.99
N MET C 252 0.06 -1.40 -12.39
CA MET C 252 0.02 0.08 -12.39
C MET C 252 1.20 0.65 -11.62
N GLN C 253 1.59 0.02 -10.52
N GLN C 253 1.59 0.01 -10.52
CA GLN C 253 2.72 0.48 -9.72
CA GLN C 253 2.71 0.47 -9.73
C GLN C 253 4.00 0.40 -10.55
C GLN C 253 3.99 0.40 -10.56
N MET C 254 4.19 -0.71 -11.25
CA MET C 254 5.39 -0.90 -12.10
C MET C 254 5.47 0.22 -13.17
N ILE C 255 4.35 0.50 -13.84
CA ILE C 255 4.30 1.55 -14.87
C ILE C 255 4.62 2.90 -14.27
N PHE C 256 4.02 3.21 -13.12
CA PHE C 256 4.27 4.49 -12.48
C PHE C 256 5.72 4.66 -12.05
N GLU C 257 6.25 3.63 -11.38
CA GLU C 257 7.64 3.65 -10.89
C GLU C 257 8.72 3.58 -11.94
N ASN C 258 8.51 2.70 -12.91
CA ASN C 258 9.52 2.40 -13.91
C ASN C 258 9.24 2.77 -15.36
N GLY C 259 8.05 3.29 -15.64
CA GLY C 259 7.65 3.71 -16.98
C GLY C 259 7.08 2.64 -17.88
N PRO C 260 6.29 3.06 -18.87
CA PRO C 260 5.71 2.09 -19.78
C PRO C 260 6.75 1.27 -20.52
N ARG C 261 7.94 1.83 -20.72
CA ARG C 261 9.01 1.11 -21.42
C ARG C 261 9.59 -0.05 -20.61
N SER C 262 9.25 -0.13 -19.32
CA SER C 262 9.72 -1.22 -18.49
C SER C 262 8.79 -2.42 -18.65
N ILE C 263 7.64 -2.20 -19.27
CA ILE C 263 6.66 -3.27 -19.45
C ILE C 263 6.95 -4.05 -20.72
N VAL C 264 8.04 -4.81 -20.65
CA VAL C 264 8.52 -5.65 -21.72
C VAL C 264 9.08 -6.92 -21.05
N ARG C 265 9.03 -8.05 -21.74
CA ARG C 265 9.49 -9.31 -21.14
C ARG C 265 10.90 -9.33 -20.58
N ASP C 266 11.85 -8.63 -21.18
CA ASP C 266 13.20 -8.67 -20.64
C ASP C 266 13.38 -7.79 -19.40
N LYS C 267 12.35 -7.04 -19.02
CA LYS C 267 12.43 -6.17 -17.85
C LYS C 267 11.32 -6.40 -16.81
N PHE C 268 10.33 -7.22 -17.14
CA PHE C 268 9.21 -7.41 -16.24
C PHE C 268 8.54 -8.77 -16.37
N ARG C 269 8.21 -9.35 -15.22
CA ARG C 269 7.51 -10.64 -15.15
C ARG C 269 6.57 -10.58 -13.97
N VAL C 270 5.47 -11.32 -14.06
CA VAL C 270 4.51 -11.42 -12.97
C VAL C 270 4.44 -12.89 -12.62
N GLY C 271 4.74 -13.21 -11.37
CA GLY C 271 4.70 -14.59 -10.92
C GLY C 271 3.45 -14.84 -10.11
N GLY C 272 2.73 -15.91 -10.42
CA GLY C 272 1.50 -16.21 -9.70
C GLY C 272 1.14 -17.68 -9.72
N GLY C 273 0.05 -18.01 -9.04
CA GLY C 273 -0.42 -19.39 -8.94
C GLY C 273 -1.29 -19.85 -10.10
N PHE C 274 -1.63 -21.13 -10.05
CA PHE C 274 -2.44 -21.77 -11.07
C PHE C 274 -3.85 -21.19 -11.13
N ASN C 275 -4.45 -20.91 -9.98
CA ASN C 275 -5.79 -20.34 -9.96
C ASN C 275 -5.83 -18.97 -10.62
N LEU C 276 -4.78 -18.17 -10.42
CA LEU C 276 -4.70 -16.86 -11.05
C LEU C 276 -4.56 -17.02 -12.57
N LEU C 277 -3.73 -17.97 -12.99
CA LEU C 277 -3.55 -18.25 -14.41
C LEU C 277 -4.90 -18.59 -15.05
N LYS C 278 -5.67 -19.45 -14.38
CA LYS C 278 -6.98 -19.86 -14.90
C LYS C 278 -7.94 -18.68 -14.98
N GLU C 279 -7.86 -17.78 -14.00
CA GLU C 279 -8.67 -16.58 -13.94
C GLU C 279 -8.30 -15.70 -15.14
N LEU C 280 -7.01 -15.53 -15.38
CA LEU C 280 -6.56 -14.72 -16.49
C LEU C 280 -7.03 -15.29 -17.82
N ARG C 281 -6.92 -16.61 -18.00
CA ARG C 281 -7.40 -17.16 -19.26
C ARG C 281 -8.90 -17.06 -19.44
N ASP C 282 -9.66 -17.36 -18.40
CA ASP C 282 -11.12 -17.27 -18.48
C ASP C 282 -11.54 -15.85 -18.84
N CYS C 283 -10.88 -14.86 -18.25
N CYS C 283 -10.89 -14.86 -18.24
CA CYS C 283 -11.21 -13.47 -18.53
CA CYS C 283 -11.22 -13.47 -18.53
C CYS C 283 -10.92 -13.13 -19.98
C CYS C 283 -10.91 -13.11 -19.98
N TYR C 284 -9.69 -13.39 -20.41
CA TYR C 284 -9.29 -13.11 -21.78
C TYR C 284 -10.17 -13.80 -22.84
N GLU C 285 -10.45 -15.07 -22.60
CA GLU C 285 -11.26 -15.86 -23.50
C GLU C 285 -12.72 -15.40 -23.64
N SER C 286 -13.17 -14.51 -22.76
CA SER C 286 -14.54 -14.01 -22.82
C SER C 286 -14.66 -12.86 -23.82
N TRP C 287 -13.53 -12.33 -24.29
CA TRP C 287 -13.55 -11.25 -25.26
C TRP C 287 -14.08 -11.84 -26.57
N ASP C 288 -15.07 -11.14 -27.17
CA ASP C 288 -15.69 -11.62 -28.40
C ASP C 288 -14.80 -11.32 -29.60
N SER C 289 -14.13 -12.37 -30.08
CA SER C 289 -13.22 -12.25 -31.21
C SER C 289 -13.87 -12.60 -32.55
N VAL C 290 -15.17 -12.86 -32.57
CA VAL C 290 -15.86 -13.22 -33.82
C VAL C 290 -15.55 -12.30 -35.00
N GLY C 291 -15.37 -11.00 -34.73
CA GLY C 291 -15.05 -10.04 -35.81
C GLY C 291 -13.75 -10.34 -36.55
N VAL C 292 -12.82 -11.03 -35.90
CA VAL C 292 -11.56 -11.36 -36.56
C VAL C 292 -11.34 -12.86 -36.64
N TYR D 14 -29.08 11.93 30.65
CA TYR D 14 -28.97 10.63 29.94
C TYR D 14 -27.56 10.05 30.11
N PHE D 15 -27.34 8.85 29.58
CA PHE D 15 -26.04 8.17 29.66
C PHE D 15 -25.50 8.10 31.08
N GLN D 16 -26.33 7.64 32.01
CA GLN D 16 -25.90 7.53 33.40
C GLN D 16 -24.88 6.43 33.58
N GLY D 17 -23.83 6.73 34.35
CA GLY D 17 -22.78 5.77 34.64
C GLY D 17 -21.78 5.54 33.53
N ILE D 18 -21.88 6.31 32.45
CA ILE D 18 -21.00 6.16 31.32
C ILE D 18 -19.54 6.32 31.68
N TYR D 19 -19.22 7.25 32.57
CA TYR D 19 -17.80 7.46 32.91
C TYR D 19 -17.20 6.27 33.63
N LYS D 20 -17.96 5.67 34.52
CA LYS D 20 -17.49 4.52 35.28
C LYS D 20 -17.47 3.29 34.37
N GLN D 21 -18.41 3.20 33.44
CA GLN D 21 -18.46 2.08 32.49
C GLN D 21 -17.24 2.15 31.59
N PHE D 22 -16.91 3.36 31.13
CA PHE D 22 -15.75 3.51 30.27
C PHE D 22 -14.46 3.20 31.02
N THR D 23 -14.36 3.64 32.27
CA THR D 23 -13.18 3.38 33.06
C THR D 23 -13.02 1.86 33.28
N SER D 24 -14.13 1.18 33.55
N SER D 24 -14.12 1.17 33.55
CA SER D 24 -14.09 -0.26 33.75
CA SER D 24 -14.04 -0.28 33.77
C SER D 24 -13.64 -0.98 32.48
C SER D 24 -13.64 -1.00 32.48
N ARG D 25 -14.15 -0.56 31.33
CA ARG D 25 -13.79 -1.19 30.06
C ARG D 25 -12.29 -1.04 29.82
N THR D 26 -11.79 0.15 30.11
CA THR D 26 -10.37 0.45 29.96
C THR D 26 -9.55 -0.45 30.87
N LEU D 27 -9.94 -0.53 32.14
CA LEU D 27 -9.23 -1.37 33.11
C LEU D 27 -9.22 -2.85 32.69
N LEU D 28 -10.33 -3.35 32.19
CA LEU D 28 -10.38 -4.74 31.73
C LEU D 28 -9.36 -5.00 30.64
N ASN D 29 -9.15 -4.02 29.76
CA ASN D 29 -8.20 -4.18 28.67
C ASN D 29 -6.75 -4.42 29.10
N PHE D 30 -6.38 -3.97 30.31
CA PHE D 30 -5.01 -4.11 30.82
C PHE D 30 -4.91 -4.97 32.08
N PHE D 31 -6.00 -5.62 32.45
CA PHE D 31 -6.05 -6.37 33.69
C PHE D 31 -5.44 -7.77 33.66
N GLU D 32 -4.77 -8.11 34.75
CA GLU D 32 -4.16 -9.42 34.96
C GLU D 32 -4.65 -9.86 36.34
N VAL D 33 -5.45 -10.92 36.37
CA VAL D 33 -6.02 -11.38 37.63
C VAL D 33 -5.11 -12.40 38.34
N ALA D 34 -5.05 -12.29 39.66
CA ALA D 34 -4.23 -13.19 40.45
C ALA D 34 -5.00 -14.35 41.06
N ALA D 35 -4.40 -15.53 41.01
CA ALA D 35 -4.96 -16.75 41.60
C ALA D 35 -3.68 -17.43 42.10
N LEU D 36 -3.03 -16.75 43.05
CA LEU D 36 -1.73 -17.15 43.60
C LEU D 36 -1.61 -17.68 45.03
N THR D 37 -2.71 -17.79 45.76
CA THR D 37 -2.62 -18.25 47.15
C THR D 37 -2.10 -19.68 47.25
N ASP D 38 -1.44 -19.99 48.38
CA ASP D 38 -0.90 -21.33 48.60
C ASP D 38 -1.97 -22.38 48.44
N GLY D 39 -3.20 -22.05 48.83
CA GLY D 39 -4.34 -22.97 48.77
C GLY D 39 -5.22 -23.08 47.54
N GLU D 40 -4.80 -22.53 46.41
CA GLU D 40 -5.62 -22.62 45.20
C GLU D 40 -5.82 -24.08 44.81
N THR D 41 -6.89 -24.34 44.05
CA THR D 41 -7.21 -25.67 43.56
C THR D 41 -7.61 -25.52 42.11
N ASN D 42 -7.68 -26.63 41.38
CA ASN D 42 -8.09 -26.58 39.98
C ASN D 42 -9.45 -25.87 39.88
N GLU D 43 -10.32 -26.14 40.85
CA GLU D 43 -11.65 -25.54 40.88
C GLU D 43 -11.60 -24.02 41.05
N SER D 44 -10.81 -23.53 42.00
CA SER D 44 -10.72 -22.09 42.21
C SER D 44 -10.05 -21.41 41.02
N VAL D 45 -9.02 -22.05 40.46
CA VAL D 45 -8.32 -21.49 39.30
C VAL D 45 -9.23 -21.45 38.05
N ALA D 46 -10.02 -22.50 37.87
CA ALA D 46 -10.92 -22.56 36.74
C ALA D 46 -11.96 -21.43 36.85
N ALA D 47 -12.46 -21.16 38.06
CA ALA D 47 -13.47 -20.10 38.24
C ALA D 47 -12.90 -18.73 37.88
N VAL D 48 -11.64 -18.50 38.24
CA VAL D 48 -11.01 -17.22 37.93
C VAL D 48 -10.81 -17.09 36.43
N CYS D 49 -10.28 -18.15 35.81
CA CYS D 49 -10.03 -18.15 34.38
C CYS D 49 -11.26 -17.92 33.51
N LYS D 50 -12.40 -18.47 33.90
CA LYS D 50 -13.62 -18.28 33.11
C LYS D 50 -14.04 -16.82 33.10
N ILE D 51 -13.92 -16.16 34.26
CA ILE D 51 -14.27 -14.75 34.35
C ILE D 51 -13.22 -13.91 33.61
N ALA D 52 -11.95 -14.32 33.67
CA ALA D 52 -10.90 -13.58 32.95
C ALA D 52 -11.07 -13.68 31.44
N ALA D 53 -11.44 -14.87 30.96
CA ALA D 53 -11.57 -15.11 29.52
C ALA D 53 -12.90 -14.71 28.89
N LYS D 54 -13.87 -14.32 29.70
CA LYS D 54 -15.18 -13.91 29.19
C LYS D 54 -15.01 -12.69 28.27
N ASP D 55 -15.72 -12.66 27.15
CA ASP D 55 -15.64 -11.55 26.20
C ASP D 55 -16.14 -10.24 26.84
N PRO D 56 -15.32 -9.18 26.84
CA PRO D 56 -13.97 -8.97 26.34
C PRO D 56 -12.94 -9.52 27.32
N ALA D 57 -12.09 -10.40 26.85
CA ALA D 57 -11.08 -11.02 27.69
C ALA D 57 -10.04 -10.03 28.21
N ILE D 58 -9.59 -10.29 29.44
CA ILE D 58 -8.55 -9.44 30.04
C ILE D 58 -7.23 -9.94 29.48
N VAL D 59 -6.12 -9.37 29.93
CA VAL D 59 -4.83 -9.79 29.40
C VAL D 59 -4.45 -11.20 29.82
N GLY D 60 -4.57 -11.50 31.10
CA GLY D 60 -4.20 -12.83 31.57
C GLY D 60 -4.47 -13.13 33.02
N VAL D 61 -3.97 -14.28 33.44
CA VAL D 61 -4.10 -14.76 34.80
C VAL D 61 -2.72 -15.12 35.31
N SER D 62 -2.45 -14.82 36.59
CA SER D 62 -1.19 -15.15 37.23
C SER D 62 -1.42 -16.33 38.18
N VAL D 63 -0.65 -17.40 37.98
CA VAL D 63 -0.73 -18.59 38.82
C VAL D 63 0.66 -19.11 39.16
N ARG D 64 0.74 -19.93 40.22
CA ARG D 64 1.98 -20.55 40.65
C ARG D 64 2.18 -21.66 39.59
N PRO D 65 3.42 -22.12 39.37
CA PRO D 65 3.68 -23.15 38.34
C PRO D 65 2.81 -24.40 38.35
N ALA D 66 2.33 -24.80 39.53
CA ALA D 66 1.50 -25.99 39.66
C ALA D 66 0.21 -25.96 38.85
N PHE D 67 -0.23 -24.78 38.42
CA PHE D 67 -1.47 -24.71 37.65
C PHE D 67 -1.35 -24.34 36.18
N VAL D 68 -0.12 -24.16 35.69
CA VAL D 68 0.08 -23.81 34.29
C VAL D 68 -0.44 -24.88 33.33
N ARG D 69 -0.01 -26.12 33.52
CA ARG D 69 -0.43 -27.20 32.64
C ARG D 69 -1.95 -27.40 32.69
N PHE D 70 -2.53 -27.28 33.90
CA PHE D 70 -4.00 -27.43 34.05
C PHE D 70 -4.74 -26.47 33.13
N ILE D 71 -4.37 -25.20 33.19
CA ILE D 71 -5.01 -24.19 32.36
C ILE D 71 -4.78 -24.42 30.87
N ARG D 72 -3.52 -24.65 30.51
CA ARG D 72 -3.17 -24.85 29.11
C ARG D 72 -3.53 -26.17 28.45
N GLN D 73 -3.70 -27.23 29.22
CA GLN D 73 -4.04 -28.52 28.62
C GLN D 73 -5.36 -29.17 29.05
N GLU D 74 -5.77 -28.97 30.29
N GLU D 74 -5.76 -28.98 30.30
CA GLU D 74 -7.01 -29.58 30.76
CA GLU D 74 -7.00 -29.58 30.80
C GLU D 74 -8.22 -28.65 30.76
C GLU D 74 -8.21 -28.65 30.77
N LEU D 75 -8.07 -27.47 31.36
CA LEU D 75 -9.18 -26.53 31.40
C LEU D 75 -9.71 -26.13 30.03
N VAL D 76 -8.81 -25.95 29.07
CA VAL D 76 -9.19 -25.54 27.72
C VAL D 76 -10.14 -26.52 27.03
N LYS D 77 -10.19 -27.76 27.50
CA LYS D 77 -11.09 -28.76 26.90
C LYS D 77 -12.55 -28.40 27.20
N SER D 78 -12.81 -27.92 28.41
CA SER D 78 -14.17 -27.55 28.82
C SER D 78 -14.45 -26.07 28.64
N ALA D 79 -13.41 -25.25 28.70
CA ALA D 79 -13.54 -23.80 28.55
C ALA D 79 -12.54 -23.33 27.50
N PRO D 80 -12.88 -23.50 26.21
CA PRO D 80 -12.02 -23.14 25.09
C PRO D 80 -11.55 -21.69 25.08
N GLU D 81 -12.37 -20.79 25.62
CA GLU D 81 -12.02 -19.38 25.66
C GLU D 81 -10.77 -19.03 26.48
N VAL D 82 -10.33 -19.93 27.36
CA VAL D 82 -9.15 -19.67 28.19
C VAL D 82 -7.87 -19.63 27.36
N ALA D 83 -7.94 -20.13 26.12
CA ALA D 83 -6.79 -20.10 25.25
C ALA D 83 -6.49 -18.64 24.90
N GLY D 84 -7.53 -17.80 24.95
CA GLY D 84 -7.43 -16.39 24.63
C GLY D 84 -6.83 -15.45 25.67
N ILE D 85 -6.43 -15.99 26.81
CA ILE D 85 -5.80 -15.16 27.85
C ILE D 85 -4.41 -15.70 28.07
N LYS D 86 -3.50 -14.83 28.52
CA LYS D 86 -2.15 -15.26 28.78
C LYS D 86 -2.06 -15.88 30.17
N VAL D 87 -1.15 -16.82 30.31
CA VAL D 87 -0.92 -17.46 31.60
C VAL D 87 0.46 -16.99 32.04
N CYS D 88 0.51 -16.30 33.16
N CYS D 88 0.51 -16.30 33.18
CA CYS D 88 1.77 -15.82 33.69
CA CYS D 88 1.76 -15.81 33.74
C CYS D 88 2.10 -16.67 34.92
C CYS D 88 2.11 -16.67 34.95
N ALA D 89 3.28 -17.32 34.91
CA ALA D 89 3.70 -18.18 36.01
C ALA D 89 4.53 -17.41 37.01
N ALA D 90 4.13 -17.49 38.26
CA ALA D 90 4.82 -16.79 39.35
C ALA D 90 5.96 -17.65 39.89
N VAL D 91 7.20 -17.19 39.71
CA VAL D 91 8.36 -17.92 40.19
C VAL D 91 9.02 -17.16 41.34
N ASN D 92 9.67 -17.92 42.21
CA ASN D 92 10.33 -17.42 43.41
C ASN D 92 9.29 -16.98 44.46
N PHE D 93 8.06 -17.47 44.33
CA PHE D 93 6.98 -17.18 45.27
C PHE D 93 6.95 -18.23 46.37
N PRO D 94 6.44 -17.86 47.54
CA PRO D 94 5.91 -16.54 47.86
C PRO D 94 6.86 -15.67 48.67
N GLU D 95 8.07 -16.14 48.96
CA GLU D 95 8.99 -15.37 49.79
C GLU D 95 10.22 -14.76 49.13
N GLY D 96 10.49 -15.12 47.87
CA GLY D 96 11.65 -14.59 47.15
C GLY D 96 12.98 -15.09 47.70
N THR D 97 12.97 -16.30 48.23
CA THR D 97 14.18 -16.89 48.83
C THR D 97 14.95 -17.92 48.00
N GLY D 98 14.67 -18.00 46.70
CA GLY D 98 15.37 -18.94 45.86
C GLY D 98 16.72 -18.41 45.43
N THR D 99 17.46 -19.22 44.70
CA THR D 99 18.74 -18.80 44.20
C THR D 99 18.48 -18.59 42.70
N PRO D 100 19.39 -17.92 42.01
CA PRO D 100 19.20 -17.73 40.58
C PRO D 100 19.02 -19.05 39.84
N ASP D 101 19.74 -20.10 40.25
CA ASP D 101 19.62 -21.40 39.58
C ASP D 101 18.27 -22.06 39.88
N THR D 102 17.82 -22.03 41.15
CA THR D 102 16.53 -22.66 41.46
C THR D 102 15.36 -21.94 40.79
N VAL D 103 15.38 -20.62 40.76
CA VAL D 103 14.31 -19.86 40.16
C VAL D 103 14.31 -20.05 38.64
N SER D 104 15.49 -20.08 38.03
CA SER D 104 15.58 -20.30 36.59
C SER D 104 14.97 -21.66 36.24
N LEU D 105 15.23 -22.67 37.06
CA LEU D 105 14.68 -24.00 36.82
C LEU D 105 13.16 -24.02 36.99
N GLU D 106 12.62 -23.22 37.92
CA GLU D 106 11.16 -23.16 38.09
C GLU D 106 10.57 -22.60 36.80
N ALA D 107 11.23 -21.57 36.27
CA ALA D 107 10.80 -20.93 35.04
C ALA D 107 10.85 -21.89 33.86
N VAL D 108 11.90 -22.71 33.79
CA VAL D 108 12.03 -23.68 32.69
C VAL D 108 10.82 -24.61 32.70
N GLY D 109 10.47 -25.12 33.88
CA GLY D 109 9.34 -26.01 34.03
C GLY D 109 8.01 -25.36 33.67
N ALA D 110 7.82 -24.11 34.08
CA ALA D 110 6.59 -23.38 33.79
C ALA D 110 6.45 -23.12 32.29
N LEU D 111 7.55 -22.77 31.64
CA LEU D 111 7.56 -22.52 30.20
C LEU D 111 7.26 -23.82 29.46
N LYS D 112 7.81 -24.93 29.93
CA LYS D 112 7.55 -26.23 29.31
C LYS D 112 6.06 -26.57 29.38
N ASP D 113 5.43 -26.21 30.50
CA ASP D 113 4.00 -26.47 30.73
C ASP D 113 3.08 -25.52 29.97
N GLY D 114 3.64 -24.52 29.31
CA GLY D 114 2.84 -23.59 28.52
C GLY D 114 2.70 -22.16 28.97
N ALA D 115 3.47 -21.72 29.96
CA ALA D 115 3.38 -20.33 30.42
C ALA D 115 3.79 -19.36 29.30
N ASP D 116 3.07 -18.25 29.19
CA ASP D 116 3.31 -17.22 28.20
C ASP D 116 4.26 -16.17 28.71
N GLU D 117 4.22 -15.95 30.02
CA GLU D 117 5.03 -14.97 30.70
C GLU D 117 5.46 -15.51 32.06
N ILE D 118 6.49 -14.88 32.62
CA ILE D 118 7.05 -15.21 33.92
C ILE D 118 7.07 -13.96 34.79
N GLU D 119 6.69 -14.13 36.05
CA GLU D 119 6.61 -13.07 37.05
C GLU D 119 7.54 -13.60 38.16
N CYS D 120 8.63 -12.89 38.41
CA CYS D 120 9.63 -13.28 39.39
C CYS D 120 9.78 -12.34 40.57
N LEU D 121 9.62 -12.89 41.77
N LEU D 121 9.58 -12.85 41.78
CA LEU D 121 9.73 -12.12 43.00
CA LEU D 121 9.74 -12.03 42.97
C LEU D 121 11.21 -11.96 43.38
C LEU D 121 11.22 -11.89 43.25
N ILE D 122 11.61 -10.78 43.84
CA ILE D 122 13.00 -10.56 44.22
C ILE D 122 13.17 -10.92 45.69
N ASP D 123 14.41 -11.05 46.14
CA ASP D 123 14.69 -11.36 47.54
C ASP D 123 14.64 -10.00 48.23
N TRP D 124 13.44 -9.56 48.56
CA TRP D 124 13.25 -8.25 49.18
C TRP D 124 13.88 -8.14 50.58
N ARG D 125 13.95 -9.24 51.32
CA ARG D 125 14.54 -9.24 52.65
C ARG D 125 16.00 -8.82 52.60
N ARG D 126 16.72 -9.26 51.57
CA ARG D 126 18.14 -8.90 51.41
C ARG D 126 18.31 -7.39 51.16
N MET D 127 17.33 -6.76 50.50
CA MET D 127 17.39 -5.31 50.25
C MET D 127 17.32 -4.52 51.54
N ASN D 128 16.53 -5.00 52.49
CA ASN D 128 16.37 -4.33 53.78
C ASN D 128 17.59 -4.52 54.69
N GLU D 129 18.42 -5.52 54.38
CA GLU D 129 19.60 -5.83 55.18
C GLU D 129 20.87 -5.13 54.70
N ASN D 130 21.12 -5.20 53.41
CA ASN D 130 22.29 -4.59 52.79
C ASN D 130 21.87 -4.28 51.36
N VAL D 131 21.55 -3.02 51.11
CA VAL D 131 21.07 -2.58 49.80
C VAL D 131 21.97 -2.92 48.63
N ALA D 132 23.26 -2.63 48.74
CA ALA D 132 24.18 -2.92 47.64
C ALA D 132 24.21 -4.42 47.31
N ASP D 133 24.26 -5.24 48.35
CA ASP D 133 24.28 -6.69 48.17
C ASP D 133 22.93 -7.11 47.59
N GLY D 134 21.86 -6.51 48.10
CA GLY D 134 20.50 -6.79 47.63
C GLY D 134 20.40 -6.55 46.14
N GLU D 135 20.97 -5.44 45.68
CA GLU D 135 20.99 -5.06 44.27
C GLU D 135 21.72 -6.10 43.41
N SER D 136 22.89 -6.55 43.91
N SER D 136 22.90 -6.54 43.89
CA SER D 136 23.71 -7.52 43.22
CA SER D 136 23.68 -7.54 43.14
C SER D 136 22.94 -8.83 43.01
C SER D 136 22.91 -8.85 42.98
N ARG D 137 22.20 -9.24 44.04
CA ARG D 137 21.38 -10.46 44.02
C ARG D 137 20.25 -10.32 43.00
N ILE D 138 19.60 -9.15 42.97
CA ILE D 138 18.55 -8.89 41.98
C ILE D 138 19.14 -9.01 40.58
N ARG D 139 20.28 -8.37 40.34
CA ARG D 139 20.85 -8.44 38.99
C ARG D 139 21.19 -9.87 38.58
N LEU D 140 21.75 -10.65 39.49
N LEU D 140 21.75 -10.64 39.50
CA LEU D 140 22.13 -12.02 39.19
CA LEU D 140 22.10 -12.03 39.21
C LEU D 140 20.87 -12.88 38.97
C LEU D 140 20.87 -12.87 38.95
N LEU D 141 19.87 -12.68 39.81
CA LEU D 141 18.61 -13.43 39.70
C LEU D 141 17.88 -13.15 38.39
N VAL D 142 17.70 -11.87 38.07
CA VAL D 142 16.98 -11.50 36.86
C VAL D 142 17.73 -11.90 35.59
N SER D 143 19.05 -11.69 35.57
N SER D 143 19.04 -11.69 35.55
CA SER D 143 19.84 -12.05 34.41
CA SER D 143 19.82 -12.04 34.35
C SER D 143 19.77 -13.54 34.10
C SER D 143 19.79 -13.54 34.09
N GLU D 144 19.87 -14.36 35.14
CA GLU D 144 19.84 -15.80 34.96
C GLU D 144 18.46 -16.28 34.51
N VAL D 145 17.41 -15.72 35.08
CA VAL D 145 16.06 -16.10 34.70
C VAL D 145 15.77 -15.62 33.27
N LYS D 146 16.24 -14.42 32.91
N LYS D 146 16.27 -14.43 32.93
CA LYS D 146 16.00 -13.91 31.56
CA LYS D 146 16.09 -13.85 31.60
C LYS D 146 16.64 -14.82 30.52
C LYS D 146 16.68 -14.78 30.53
N LYS D 147 17.76 -15.46 30.86
CA LYS D 147 18.42 -16.38 29.93
C LYS D 147 17.50 -17.54 29.52
N VAL D 148 16.66 -18.02 30.43
CA VAL D 148 15.77 -19.14 30.09
C VAL D 148 14.43 -18.69 29.51
N VAL D 149 14.00 -17.47 29.82
CA VAL D 149 12.72 -16.95 29.31
C VAL D 149 12.78 -16.63 27.82
N GLY D 150 13.97 -16.26 27.34
CA GLY D 150 14.16 -15.93 25.93
C GLY D 150 13.36 -14.69 25.56
N PRO D 151 12.63 -14.75 24.44
CA PRO D 151 11.84 -13.62 23.96
C PRO D 151 10.55 -13.37 24.77
N LYS D 152 10.15 -14.32 25.61
CA LYS D 152 8.94 -14.14 26.41
C LYS D 152 9.12 -13.06 27.47
N THR D 153 8.01 -12.52 27.94
CA THR D 153 8.07 -11.43 28.91
C THR D 153 8.41 -11.85 30.35
N LEU D 154 9.40 -11.18 30.92
CA LEU D 154 9.80 -11.41 32.29
C LEU D 154 9.44 -10.16 33.11
N LYS D 155 8.52 -10.33 34.05
CA LYS D 155 8.10 -9.26 34.92
C LYS D 155 8.84 -9.49 36.23
N VAL D 156 9.38 -8.43 36.82
CA VAL D 156 10.09 -8.54 38.08
C VAL D 156 9.29 -7.81 39.14
N VAL D 157 8.90 -8.55 40.18
CA VAL D 157 8.09 -8.04 41.29
C VAL D 157 9.02 -7.47 42.33
N LEU D 158 8.91 -6.17 42.58
CA LEU D 158 9.79 -5.48 43.51
C LEU D 158 9.41 -5.52 44.98
N SER D 159 8.14 -5.85 45.27
N SER D 159 8.21 -6.01 45.29
CA SER D 159 7.58 -5.92 46.63
CA SER D 159 7.77 -6.09 46.67
C SER D 159 7.74 -4.60 47.39
C SER D 159 6.94 -7.34 46.90
N GLY D 160 7.41 -3.50 46.71
N GLY D 160 7.11 -7.93 48.07
CA GLY D 160 7.51 -2.14 47.25
CA GLY D 160 6.37 -9.12 48.48
C GLY D 160 7.04 -1.91 48.68
C GLY D 160 5.98 -8.69 49.88
N GLY D 161 5.82 -2.34 48.99
N GLY D 161 7.03 -8.36 50.61
CA GLY D 161 5.26 -2.17 50.32
CA GLY D 161 6.95 -7.87 51.98
C GLY D 161 6.03 -2.83 51.44
C GLY D 161 7.59 -6.51 51.79
N GLU D 162 6.84 -3.83 51.08
N GLU D 162 6.93 -5.48 52.28
CA GLU D 162 7.62 -4.54 52.08
CA GLU D 162 7.42 -4.12 52.13
C GLU D 162 9.05 -4.01 52.11
C GLU D 162 8.92 -3.83 52.21
N LEU D 163 9.38 -3.08 51.22
CA LEU D 163 10.74 -2.58 51.16
C LEU D 163 10.68 -1.37 52.07
N GLN D 164 11.64 -1.29 53.00
CA GLN D 164 11.69 -0.21 53.97
C GLN D 164 12.22 1.12 53.43
N GLY D 165 11.39 1.82 52.65
CA GLY D 165 11.77 3.12 52.12
C GLY D 165 11.79 3.26 50.61
N GLY D 166 11.71 4.52 50.17
CA GLY D 166 11.72 4.85 48.75
C GLY D 166 13.09 4.61 48.15
N ASP D 167 14.15 4.81 48.94
N ASP D 167 14.14 4.82 48.94
CA ASP D 167 15.49 4.61 48.44
CA ASP D 167 15.50 4.60 48.43
C ASP D 167 15.66 3.13 48.05
C ASP D 167 15.68 3.13 48.06
N ILE D 168 15.00 2.25 48.78
CA ILE D 168 15.08 0.81 48.52
C ILE D 168 14.31 0.43 47.25
N ILE D 169 13.11 0.99 47.11
CA ILE D 169 12.26 0.74 45.95
C ILE D 169 12.94 1.18 44.65
N SER D 170 13.50 2.38 44.65
N SER D 170 13.49 2.38 44.65
CA SER D 170 14.17 2.91 43.47
CA SER D 170 14.15 2.89 43.45
C SER D 170 15.35 2.03 43.09
C SER D 170 15.36 2.04 43.08
N ARG D 171 16.13 1.63 44.08
CA ARG D 171 17.31 0.80 43.85
C ARG D 171 16.99 -0.59 43.32
N ALA D 172 15.88 -1.16 43.79
CA ALA D 172 15.46 -2.47 43.32
C ALA D 172 15.04 -2.39 41.86
N ALA D 173 14.32 -1.32 41.51
CA ALA D 173 13.86 -1.11 40.14
C ALA D 173 15.04 -0.99 39.19
N VAL D 174 16.06 -0.23 39.57
CA VAL D 174 17.25 -0.07 38.76
C VAL D 174 17.99 -1.39 38.58
N ALA D 175 18.14 -2.16 39.66
CA ALA D 175 18.80 -3.46 39.58
C ALA D 175 18.04 -4.43 38.66
N ALA D 176 16.71 -4.41 38.74
CA ALA D 176 15.88 -5.28 37.92
C ALA D 176 16.02 -4.93 36.44
N LEU D 177 16.04 -3.62 36.15
CA LEU D 177 16.20 -3.17 34.77
C LEU D 177 17.58 -3.56 34.24
N GLU D 178 18.61 -3.36 35.07
CA GLU D 178 19.98 -3.71 34.68
C GLU D 178 20.09 -5.21 34.43
N GLY D 179 19.32 -6.00 35.18
CA GLY D 179 19.29 -7.45 35.08
C GLY D 179 18.58 -7.94 33.83
N GLY D 180 17.75 -7.08 33.25
CA GLY D 180 17.05 -7.45 32.03
C GLY D 180 15.55 -7.58 32.10
N ALA D 181 14.95 -7.04 33.15
CA ALA D 181 13.50 -7.08 33.31
C ALA D 181 12.75 -6.44 32.12
N ASP D 182 11.62 -7.04 31.72
CA ASP D 182 10.78 -6.54 30.63
C ASP D 182 9.64 -5.69 31.21
N PHE D 183 9.32 -5.95 32.47
CA PHE D 183 8.30 -5.23 33.24
C PHE D 183 8.71 -5.12 34.68
N LEU D 184 8.37 -3.99 35.28
CA LEU D 184 8.61 -3.77 36.68
C LEU D 184 7.23 -3.83 37.31
N GLN D 185 7.04 -4.75 38.25
CA GLN D 185 5.75 -4.92 38.93
C GLN D 185 5.90 -4.43 40.35
N THR D 186 4.95 -3.61 40.78
CA THR D 186 5.00 -3.01 42.12
C THR D 186 4.99 -3.94 43.31
N SER D 187 4.17 -4.98 43.23
CA SER D 187 3.98 -5.90 44.33
C SER D 187 3.46 -7.24 43.81
N SER D 188 3.50 -8.26 44.67
CA SER D 188 3.12 -9.62 44.29
C SER D 188 1.66 -9.99 44.15
N GLY D 189 0.78 -9.37 44.92
CA GLY D 189 -0.63 -9.72 44.88
C GLY D 189 -0.99 -10.49 46.15
N LEU D 190 0.03 -10.96 46.87
CA LEU D 190 -0.16 -11.69 48.13
C LEU D 190 0.16 -10.71 49.24
N GLY D 191 -0.47 -10.89 50.40
CA GLY D 191 -0.21 -9.98 51.52
C GLY D 191 -1.07 -8.72 51.47
N ALA D 192 -0.86 -7.82 52.43
CA ALA D 192 -1.65 -6.59 52.52
C ALA D 192 -1.04 -5.35 51.85
N THR D 193 0.22 -5.42 51.44
CA THR D 193 0.85 -4.25 50.82
C THR D 193 0.82 -4.33 49.30
N HIS D 194 0.38 -3.25 48.66
CA HIS D 194 0.31 -3.20 47.21
C HIS D 194 0.88 -1.88 46.68
N ALA D 195 0.59 -1.56 45.43
CA ALA D 195 1.12 -0.34 44.83
C ALA D 195 0.65 0.91 45.55
N THR D 196 1.53 1.89 45.60
CA THR D 196 1.23 3.17 46.18
C THR D 196 1.67 4.11 45.08
N MET D 197 1.12 5.30 45.04
CA MET D 197 1.50 6.24 44.02
C MET D 197 2.97 6.59 44.18
N PHE D 198 3.47 6.54 45.41
CA PHE D 198 4.87 6.82 45.68
C PHE D 198 5.75 5.78 44.96
N THR D 199 5.41 4.50 45.07
CA THR D 199 6.18 3.45 44.42
C THR D 199 6.10 3.56 42.90
N VAL D 200 4.91 3.86 42.39
CA VAL D 200 4.71 4.01 40.94
C VAL D 200 5.57 5.17 40.44
N HIS D 201 5.61 6.25 41.21
CA HIS D 201 6.42 7.40 40.84
C HIS D 201 7.89 7.05 40.73
N LEU D 202 8.39 6.33 41.73
CA LEU D 202 9.80 5.92 41.75
C LEU D 202 10.15 4.98 40.60
N ILE D 203 9.25 4.03 40.32
CA ILE D 203 9.44 3.09 39.23
C ILE D 203 9.47 3.84 37.90
N SER D 204 8.59 4.81 37.74
CA SER D 204 8.54 5.57 36.50
C SER D 204 9.84 6.34 36.26
N ILE D 205 10.42 6.90 37.32
CA ILE D 205 11.69 7.63 37.19
C ILE D 205 12.80 6.70 36.77
N ALA D 206 12.89 5.56 37.43
CA ALA D 206 13.92 4.57 37.13
C ALA D 206 13.83 4.12 35.68
N LEU D 207 12.63 3.84 35.20
N LEU D 207 12.63 3.85 35.22
CA LEU D 207 12.45 3.40 33.83
CA LEU D 207 12.40 3.41 33.85
C LEU D 207 12.77 4.52 32.84
C LEU D 207 12.73 4.51 32.85
N ARG D 208 12.36 5.75 33.15
CA ARG D 208 12.63 6.88 32.26
C ARG D 208 14.13 7.03 32.04
N GLU D 209 14.92 6.99 33.11
CA GLU D 209 16.36 7.13 32.95
C GLU D 209 16.98 5.92 32.26
N TYR D 210 16.46 4.74 32.55
CA TYR D 210 17.00 3.55 31.92
C TYR D 210 16.80 3.67 30.42
N MET D 211 15.65 4.18 30.00
CA MET D 211 15.34 4.33 28.57
C MET D 211 16.28 5.30 27.87
N VAL D 212 16.75 6.31 28.58
CA VAL D 212 17.69 7.25 27.98
C VAL D 212 18.95 6.48 27.60
N ARG D 213 19.38 5.59 28.50
N ARG D 213 19.42 5.60 28.49
CA ARG D 213 20.58 4.78 28.32
CA ARG D 213 20.63 4.82 28.21
C ARG D 213 20.35 3.77 27.20
C ARG D 213 20.35 3.73 27.17
N GLU D 214 19.16 3.14 27.22
CA GLU D 214 18.79 2.12 26.24
C GLU D 214 18.75 2.70 24.83
N ASN D 215 18.20 3.90 24.70
CA ASN D 215 18.12 4.56 23.39
C ASN D 215 19.51 4.91 22.86
N GLU D 216 20.42 5.27 23.74
CA GLU D 216 21.75 5.62 23.30
C GLU D 216 22.45 4.32 22.90
N ARG D 217 22.06 3.19 23.49
CA ARG D 217 22.65 1.91 23.15
C ARG D 217 22.25 1.51 21.73
N ILE D 218 20.97 1.66 21.41
CA ILE D 218 20.50 1.31 20.07
C ILE D 218 21.05 2.30 19.06
N ARG D 219 21.27 3.55 19.48
CA ARG D 219 21.79 4.56 18.57
C ARG D 219 23.18 4.15 18.11
N VAL D 220 24.00 3.68 19.03
CA VAL D 220 25.36 3.25 18.72
C VAL D 220 25.33 1.98 17.88
N GLU D 221 24.51 1.01 18.29
CA GLU D 221 24.39 -0.26 17.58
C GLU D 221 24.21 -0.04 16.09
N ARG D 231 13.92 -1.83 23.12
CA ARG D 231 13.05 -2.85 23.70
C ARG D 231 11.93 -2.25 24.56
N CYS D 232 10.76 -2.90 24.51
N CYS D 232 10.78 -2.90 24.52
CA CYS D 232 9.61 -2.45 25.28
CA CYS D 232 9.61 -2.45 25.24
C CYS D 232 9.73 -2.87 26.73
C CYS D 232 9.67 -2.87 26.72
N ILE D 233 9.72 -1.89 27.62
CA ILE D 233 9.79 -2.14 29.05
C ILE D 233 8.57 -1.49 29.66
N GLY D 234 7.80 -2.27 30.42
CA GLY D 234 6.58 -1.75 31.01
C GLY D 234 6.53 -1.70 32.52
N ILE D 235 5.38 -1.23 33.00
CA ILE D 235 5.11 -1.13 34.40
C ILE D 235 3.79 -1.82 34.66
N LYS D 236 3.77 -2.65 35.70
CA LYS D 236 2.57 -3.35 36.12
C LYS D 236 2.23 -2.87 37.51
N ILE D 237 1.08 -2.23 37.62
CA ILE D 237 0.59 -1.71 38.88
C ILE D 237 -0.30 -2.77 39.50
N GLU D 238 0.17 -3.35 40.59
N GLU D 238 0.16 -3.37 40.58
CA GLU D 238 -0.56 -4.37 41.31
CA GLU D 238 -0.61 -4.43 41.24
C GLU D 238 -1.35 -3.65 42.38
C GLU D 238 -1.34 -3.76 42.41
N VAL D 239 -2.67 -3.78 42.35
CA VAL D 239 -3.51 -3.11 43.35
C VAL D 239 -4.35 -3.97 44.27
N GLY D 240 -4.29 -5.29 44.10
CA GLY D 240 -5.06 -6.20 44.94
C GLY D 240 -6.55 -5.99 44.73
N ASP D 241 -7.29 -5.85 45.84
CA ASP D 241 -8.74 -5.63 45.77
C ASP D 241 -9.15 -4.23 46.21
N VAL D 242 -8.32 -3.22 45.95
CA VAL D 242 -8.69 -1.86 46.31
C VAL D 242 -9.95 -1.46 45.53
N HIS D 243 -10.60 -0.38 45.95
CA HIS D 243 -11.79 0.07 45.25
C HIS D 243 -11.44 0.49 43.82
N MET D 244 -12.44 0.44 42.95
CA MET D 244 -12.26 0.85 41.57
C MET D 244 -11.80 2.29 41.45
N ALA D 245 -12.29 3.16 42.33
CA ALA D 245 -11.91 4.57 42.29
C ALA D 245 -10.41 4.74 42.44
N GLU D 246 -9.78 3.95 43.33
CA GLU D 246 -8.33 4.04 43.53
C GLU D 246 -7.59 3.50 42.31
N THR D 247 -8.13 2.47 41.69
N THR D 247 -8.12 2.47 41.68
CA THR D 247 -7.50 1.89 40.51
CA THR D 247 -7.48 1.91 40.50
C THR D 247 -7.52 2.94 39.41
C THR D 247 -7.49 2.98 39.41
N ALA D 248 -8.59 3.71 39.34
CA ALA D 248 -8.71 4.78 38.35
C ALA D 248 -7.70 5.89 38.66
N ASP D 249 -7.43 6.17 39.93
N ASP D 249 -7.45 6.16 39.94
CA ASP D 249 -6.47 7.23 40.25
CA ASP D 249 -6.48 7.19 40.32
C ASP D 249 -5.09 6.81 39.73
C ASP D 249 -5.11 6.81 39.74
N PHE D 250 -4.80 5.52 39.73
CA PHE D 250 -3.51 5.03 39.20
C PHE D 250 -3.39 5.25 37.71
N LEU D 251 -4.47 5.08 36.95
CA LEU D 251 -4.42 5.33 35.49
C LEU D 251 -4.07 6.77 35.24
N MET D 252 -4.71 7.65 36.00
N MET D 252 -4.72 7.68 35.97
CA MET D 252 -4.51 9.07 35.85
CA MET D 252 -4.46 9.11 35.82
C MET D 252 -3.05 9.42 36.18
C MET D 252 -3.02 9.42 36.16
N GLN D 253 -2.49 8.72 37.16
CA GLN D 253 -1.10 8.94 37.57
C GLN D 253 -0.18 8.52 36.42
N MET D 254 -0.47 7.34 35.87
N MET D 254 -0.43 7.34 35.86
CA MET D 254 0.30 6.77 34.76
CA MET D 254 0.37 6.86 34.73
C MET D 254 0.33 7.76 33.59
C MET D 254 0.36 7.86 33.59
N ILE D 255 -0.84 8.29 33.21
CA ILE D 255 -0.95 9.25 32.13
C ILE D 255 -0.19 10.53 32.42
N PHE D 256 -0.36 11.05 33.63
CA PHE D 256 0.30 12.28 34.00
C PHE D 256 1.82 12.16 33.99
N GLU D 257 2.35 11.11 34.60
CA GLU D 257 3.79 10.96 34.66
C GLU D 257 4.45 10.31 33.45
N ASN D 258 3.77 9.39 32.79
CA ASN D 258 4.35 8.70 31.64
C ASN D 258 3.74 8.99 30.27
N GLY D 259 2.63 9.72 30.26
CA GLY D 259 1.96 10.08 29.02
C GLY D 259 0.96 9.08 28.51
N PRO D 260 0.04 9.54 27.65
CA PRO D 260 -0.97 8.66 27.09
C PRO D 260 -0.36 7.50 26.33
N ARG D 261 0.81 7.68 25.74
CA ARG D 261 1.43 6.59 25.00
C ARG D 261 1.91 5.43 25.88
N SER D 262 1.91 5.61 27.19
CA SER D 262 2.33 4.55 28.10
C SER D 262 1.17 3.58 28.37
N ILE D 263 -0.04 3.99 28.01
CA ILE D 263 -1.24 3.17 28.22
C ILE D 263 -1.51 2.25 27.04
N VAL D 264 -0.64 1.26 26.88
CA VAL D 264 -0.71 0.25 25.83
C VAL D 264 -0.31 -1.06 26.50
N ARG D 265 -0.82 -2.19 26.01
CA ARG D 265 -0.51 -3.47 26.65
C ARG D 265 0.95 -3.87 26.74
N ASP D 266 1.74 -3.48 25.74
N ASP D 266 1.77 -3.50 25.74
CA ASP D 266 3.17 -3.83 25.74
CA ASP D 266 3.17 -3.90 25.79
C ASP D 266 3.98 -3.09 26.81
C ASP D 266 3.99 -3.09 26.82
N LYS D 267 3.37 -2.06 27.40
CA LYS D 267 4.06 -1.26 28.41
C LYS D 267 3.28 -1.06 29.71
N PHE D 268 2.06 -1.58 29.79
CA PHE D 268 1.24 -1.37 30.96
C PHE D 268 0.26 -2.49 31.29
N ARG D 269 0.14 -2.81 32.57
CA ARG D 269 -0.77 -3.83 33.07
C ARG D 269 -1.25 -3.43 34.46
N VAL D 270 -2.47 -3.83 34.78
CA VAL D 270 -3.01 -3.57 36.10
C VAL D 270 -3.25 -4.96 36.73
N GLY D 271 -2.58 -5.22 37.83
CA GLY D 271 -2.74 -6.50 38.51
C GLY D 271 -3.71 -6.35 39.66
N GLY D 272 -4.65 -7.27 39.76
CA GLY D 272 -5.63 -7.22 40.84
C GLY D 272 -6.28 -8.56 41.16
N GLY D 273 -7.11 -8.55 42.20
CA GLY D 273 -7.79 -9.75 42.65
C GLY D 273 -9.04 -10.08 41.90
N PHE D 274 -9.58 -11.24 42.24
CA PHE D 274 -10.79 -11.75 41.62
C PHE D 274 -12.01 -10.88 41.93
N ASN D 275 -12.09 -10.37 43.15
CA ASN D 275 -13.21 -9.50 43.53
C ASN D 275 -13.22 -8.22 42.71
N LEU D 276 -12.05 -7.64 42.47
CA LEU D 276 -11.97 -6.42 41.67
C LEU D 276 -12.33 -6.75 40.22
N LEU D 277 -11.86 -7.89 39.71
CA LEU D 277 -12.19 -8.29 38.34
C LEU D 277 -13.72 -8.37 38.16
N LYS D 278 -14.39 -9.01 39.11
CA LYS D 278 -15.83 -9.15 39.04
C LYS D 278 -16.54 -7.81 39.09
N GLU D 279 -16.00 -6.89 39.87
CA GLU D 279 -16.57 -5.55 39.97
C GLU D 279 -16.43 -4.81 38.65
N LEU D 280 -15.28 -4.97 37.99
CA LEU D 280 -15.04 -4.32 36.69
C LEU D 280 -16.01 -4.90 35.65
N ARG D 281 -16.13 -6.22 35.65
CA ARG D 281 -17.04 -6.93 34.73
C ARG D 281 -18.47 -6.45 34.91
N ASP D 282 -18.94 -6.42 36.15
CA ASP D 282 -20.30 -6.01 36.45
C ASP D 282 -20.60 -4.57 36.00
N CYS D 283 -19.63 -3.69 36.16
CA CYS D 283 -19.79 -2.31 35.76
C CYS D 283 -19.88 -2.21 34.24
N TYR D 284 -18.91 -2.79 33.54
CA TYR D 284 -18.94 -2.73 32.08
C TYR D 284 -20.16 -3.41 31.48
N GLU D 285 -20.56 -4.54 32.06
CA GLU D 285 -21.71 -5.28 31.55
C GLU D 285 -23.04 -4.50 31.61
N SER D 286 -23.09 -3.45 32.41
CA SER D 286 -24.30 -2.63 32.51
C SER D 286 -24.44 -1.73 31.28
N TRP D 287 -23.41 -1.64 30.46
CA TRP D 287 -23.45 -0.81 29.24
C TRP D 287 -23.93 -1.63 28.04
N ASP D 288 -24.63 -0.98 27.11
CA ASP D 288 -25.10 -1.65 25.88
C ASP D 288 -24.98 -0.66 24.73
N SER D 289 -24.68 -1.16 23.54
CA SER D 289 -24.52 -0.29 22.37
C SER D 289 -25.83 0.32 21.87
N VAL D 290 -26.96 -0.30 22.22
CA VAL D 290 -28.27 0.18 21.82
C VAL D 290 -29.16 0.46 23.02
N GLY D 291 -29.29 -0.53 23.91
CA GLY D 291 -30.13 -0.38 25.09
C GLY D 291 -29.63 0.63 26.12
N VAL D 292 -30.57 1.34 26.73
CA VAL D 292 -30.24 2.33 27.74
C VAL D 292 -30.47 1.74 29.14
C1 GLC E . -13.67 23.42 -29.59
C2 GLC E . -15.09 23.92 -29.78
C3 GLC E . -15.31 24.27 -31.23
C4 GLC E . -14.32 25.34 -31.66
C5 GLC E . -12.90 24.97 -31.27
C6 GLC E . -12.06 26.21 -31.31
O2 GLC E . -15.97 22.90 -29.37
O3 GLC E . -16.64 24.72 -31.49
O4 GLC E . -14.41 25.50 -33.08
O5 GLC E . -12.77 24.45 -29.95
O6 GLC E . -11.20 25.91 -32.37
C1 FRU E . -13.52 20.55 -28.54
C2 FRU E . -12.64 21.26 -29.56
C3 FRU E . -11.90 20.38 -30.56
C4 FRU E . -10.68 21.27 -30.79
C5 FRU E . -10.37 21.73 -29.38
C6 FRU E . -9.61 23.03 -29.35
O1 FRU E . -13.02 19.28 -28.23
O2 FRU E . -13.40 22.21 -30.30
O3 FRU E . -12.61 20.17 -31.77
O4 FRU E . -9.58 20.70 -31.46
O5 FRU E . -11.64 21.94 -28.82
O6 FRU E . -9.13 23.38 -28.06
C1 GLC F . -17.36 15.46 -49.04
C2 GLC F . -16.69 16.50 -48.19
C3 GLC F . -15.21 16.19 -48.11
C4 GLC F . -15.02 14.79 -47.57
C5 GLC F . -15.89 13.79 -48.27
C6 GLC F . -15.76 12.47 -47.52
O2 GLC F . -16.91 17.82 -48.68
O3 GLC F . -14.63 17.08 -47.19
O4 GLC F . -13.69 14.33 -47.73
O5 GLC F . -17.22 14.24 -48.34
O6 GLC F . -16.41 12.48 -46.26
C1 FRU F . -18.53 16.58 -51.53
C2 FRU F . -17.81 15.24 -51.31
C3 FRU F . -17.27 14.69 -52.58
C4 FRU F . -17.22 13.22 -52.29
C5 FRU F . -18.52 13.01 -51.55
C6 FRU F . -18.48 11.86 -50.59
O1 FRU F . -19.82 16.41 -52.11
O2 FRU F . -16.79 15.40 -50.33
O3 FRU F . -16.04 15.24 -52.97
O4 FRU F . -17.27 12.52 -53.49
O5 FRU F . -18.71 14.24 -50.85
O6 FRU F . -19.40 12.15 -49.56
C1 GLC G . -18.40 32.36 19.01
C2 GLC G . -19.75 33.09 19.12
C3 GLC G . -20.30 33.45 17.75
C4 GLC G . -19.24 34.09 16.87
C5 GLC G . -17.99 33.24 16.85
C6 GLC G . -16.92 33.93 16.05
O2 GLC G . -20.72 32.36 19.84
O3 GLC G . -21.41 34.32 17.85
O4 GLC G . -19.74 34.29 15.56
O5 GLC G . -17.52 33.07 18.17
O6 GLC G . -16.44 35.07 16.74
C1 FRU G . -18.64 29.58 20.41
C2 FRU G . -17.84 30.01 19.20
C3 FRU G . -17.54 28.91 18.20
C4 FRU G . -16.34 29.50 17.51
C5 FRU G . -15.58 30.06 18.70
C6 FRU G . -14.61 31.17 18.39
O1 FRU G . -18.07 28.52 21.12
O2 FRU G . -18.55 31.05 18.50
O3 FRU G . -18.63 28.65 17.35
O4 FRU G . -15.60 28.58 16.75
O5 FRU G . -16.57 30.49 19.60
O6 FRU G . -13.82 31.60 19.49
S SO4 H . -12.96 16.54 -30.35
O1 SO4 H . -13.02 16.70 -28.90
O2 SO4 H . -11.57 16.69 -30.81
O3 SO4 H . -13.50 15.24 -30.72
O4 SO4 H . -13.75 17.60 -30.96
S SO4 I . 2.12 32.21 -36.23
O1 SO4 I . 1.84 32.16 -34.80
O2 SO4 I . 2.96 31.08 -36.61
O3 SO4 I . 0.85 32.16 -36.94
O4 SO4 I . 2.84 33.45 -36.56
S SO4 J . -16.52 -5.19 -49.26
O1 SO4 J . -17.24 -6.29 -48.60
O2 SO4 J . -15.17 -5.61 -49.55
O3 SO4 J . -17.21 -4.84 -50.50
O4 SO4 J . -16.50 -4.04 -48.36
S SO4 K . -19.11 2.20 -38.97
O1 SO4 K . -20.28 1.63 -38.32
O2 SO4 K . -18.20 1.13 -39.34
O3 SO4 K . -19.52 2.93 -40.17
O4 SO4 K . -18.44 3.12 -38.05
S SO4 L . 7.11 -2.69 -57.70
O1 SO4 L . 7.26 -2.00 -56.42
O2 SO4 L . 8.01 -3.84 -57.74
O3 SO4 L . 5.72 -3.14 -57.85
O4 SO4 L . 7.41 -1.77 -58.80
S SO4 M . 4.01 -11.80 -29.90
O1 SO4 M . 5.32 -11.97 -30.52
O2 SO4 M . 4.09 -12.17 -28.48
O3 SO4 M . 3.04 -12.67 -30.58
O4 SO4 M . 3.58 -10.41 -30.04
S SO4 N . -19.37 25.52 19.45
O1 SO4 N . -18.74 25.98 20.68
O2 SO4 N . -18.33 25.17 18.47
O3 SO4 N . -20.18 24.35 19.78
O4 SO4 N . -20.20 26.59 18.91
S SO4 O . -3.51 36.85 7.74
O1 SO4 O . -3.61 37.21 9.15
O2 SO4 O . -2.97 35.51 7.60
O3 SO4 O . -4.84 36.88 7.16
O4 SO4 O . -2.60 37.75 7.06
S SO4 P . -19.34 18.91 -13.24
O1 SO4 P . -19.71 18.83 -11.83
O2 SO4 P . -18.33 17.92 -13.55
O3 SO4 P . -20.53 18.70 -14.06
O4 SO4 P . -18.78 20.24 -13.50
S SO4 Q . 8.81 -14.96 0.55
O1 SO4 Q . 9.24 -15.78 1.68
O2 SO4 Q . 9.65 -15.27 -0.61
O3 SO4 Q . 7.42 -15.28 0.24
O4 SO4 Q . 8.92 -13.55 0.90
S SO4 R . 31.15 -22.54 -1.56
O1 SO4 R . 32.17 -23.58 -1.56
O2 SO4 R . 29.87 -23.12 -1.95
O3 SO4 R . 31.53 -21.49 -2.49
O4 SO4 R . 31.02 -21.98 -0.22
S SO4 S . -15.97 2.94 43.84
O1 SO4 S . -16.49 3.67 44.99
O2 SO4 S . -14.55 2.77 44.06
O3 SO4 S . -16.65 1.67 43.76
O4 SO4 S . -16.26 3.70 42.62
S SO4 T . -9.19 -12.21 45.70
O1 SO4 T . -9.77 -13.32 46.45
O2 SO4 T . -8.17 -11.55 46.51
O3 SO4 T . -8.58 -12.69 44.47
O4 SO4 T . -10.26 -11.27 45.39
S SO4 U . 23.43 -19.73 41.13
O1 SO4 U . 22.18 -19.87 41.85
O2 SO4 U . 24.46 -20.58 41.75
O3 SO4 U . 23.26 -20.15 39.74
O4 SO4 U . 23.87 -18.34 41.17
S SO4 V . 2.37 11.19 24.53
O1 SO4 V . 2.31 9.98 25.34
O2 SO4 V . 2.80 12.30 25.38
O3 SO4 V . 3.33 11.00 23.44
O4 SO4 V . 1.06 11.50 23.96
S SO4 W . 4.43 -24.73 42.71
O1 SO4 W . 4.11 -25.90 43.54
O2 SO4 W . 5.09 -25.17 41.50
O3 SO4 W . 3.18 -24.04 42.37
O4 SO4 W . 5.31 -23.83 43.45
#